data_5WBI
#
_entry.id   5WBI
#
_cell.length_a   89.123
_cell.length_b   112.551
_cell.length_c   134.127
_cell.angle_alpha   90.00
_cell.angle_beta   90.00
_cell.angle_gamma   90.00
#
_symmetry.space_group_name_H-M   'P 21 21 21'
#
_entity_poly.entity_id   1
_entity_poly.type   'polypeptide(L)'
_entity_poly.pdbx_seq_one_letter_code
;SVDMALGDLMVSRFSQSSVSLVSNHRYDEDCVSSHDDGDSRRKDSEAKSSSSYGNGTTEGAATATSMAYLPQTIVLCELR
HDASEASAPLGTSEIVLVPKWRLKERMKTGCVALVLCLNITVDPPDVIKISPCARIEAWIDPFSMAPPKALETIGKNLST
QYERWQPRARYKVQLDPTVDEVRKLCLTCRKYAKTERVLFHYNGHGVPKPTANGEIWVFNKSYTQYIPLPISELDSWLKT
PSIYVFDCSAARMILNAFAELHDWGSSGSSGSSRDCILLAACDVHETLPQSVEFPADVFTSCLTTPIKMALKWFCRRSLL
KEIIDESLIDRIPGRQNDRKTLLGELNWIFTAVTDTIAWNVLPHELFQRLFRQDLLVASLFRNFLLAERIMRSANCNPIS
HPMLPPTHQHHMWDAWDMAAEICLSQLPQLVLDPSTEFQPSPFFTEQLTAFEVWLDHGSEHKKPPEQLPIVLQVLLSQCH
RFRALVLLGRFLDMGSWAVDLALSVGIFPYVLKLLQTTTNELRQILVFIWTKILALDKSCQIDLVKDGGHTYFIRFLDSS
GAFPEQRAMAAFVLAVIVDGHRRGQEACLEANLIGVCLGHLEASRPSDPQPEPLFLQWLCLCLGKLWEDFMEAQIMGREA
NAFEKLAPLLSEPQPEVRAAAVFALGTLLDIGFDSNKSVVEDEFDDDEKIRAEDAIIKSLLDVVSDGSPLVRAEVAVALA
RFAFGHKQHLKLAAASYWKPQSSSLLTSLPSIAKFHDPGSATIVSLHMSPLTRASTDSQPVARESRISSSPLGSSGLMQG
SPLSDDSSLHSDSGMMHDSVSNGAVHQPRLLDNAVYSQCVRAMFALAKDPSPRIASLGRRVLSIIGIEQVVAKPSKPTGR
PGEAADSGLADPLLGASGSERSLLPLSTIYGWSCGHFSKPLLGGADASQEIAAKREEKEKFALEHIAKCQHSSISKLNNN
PIANWDTRFETGTKTALLHPFSPIVVAADENERIRVWNYEEATLLNGFDNHDFPDKGISKLCLINELDDSLLLVASCDGS
VRIWKNYATKGKQKLVTGFSSIQGHKPGARDLNAVVDWQQQSGYLYASGETSTVTLWDLEKEQLVRSVPSESECGVTALS
ASQVHGGQLAAGFADGSLRLYDVRSPEPLVCATRPHQKVERVVGLSFQPGLDPAKVVSASQAGDIQFLDLRTTRDTYLTI
DAHRGSLTALAVHRHAPIIASGSAKQLIKVFSLQGEQLGIIRYYPSFMAQKIGSVSCLTFHPYQVLLAAGAADSFVSIYT
HDNSQAR
;
_entity_poly.pdbx_strand_id   A
#
# COMPACT_ATOMS: atom_id res chain seq x y z
N ALA A 64 22.65 -15.68 -31.86
CA ALA A 64 22.71 -15.69 -33.36
C ALA A 64 21.57 -14.86 -33.98
N THR A 65 21.51 -14.82 -35.31
CA THR A 65 20.45 -14.09 -36.06
C THR A 65 19.03 -14.59 -35.79
N SER A 66 18.90 -15.88 -35.46
CA SER A 66 17.61 -16.49 -35.15
C SER A 66 16.93 -15.98 -33.88
N MET A 67 17.62 -15.16 -33.08
CA MET A 67 17.00 -14.46 -31.94
C MET A 67 15.93 -13.44 -32.33
N ALA A 68 15.86 -13.07 -33.62
CA ALA A 68 14.75 -12.28 -34.15
C ALA A 68 13.41 -13.04 -34.18
N TYR A 69 13.43 -14.36 -33.97
CA TYR A 69 12.20 -15.13 -33.68
C TYR A 69 11.78 -15.11 -32.20
N LEU A 70 12.60 -14.50 -31.33
CA LEU A 70 12.57 -14.78 -29.90
C LEU A 70 12.62 -13.46 -29.10
N PRO A 71 11.60 -12.60 -29.26
CA PRO A 71 11.66 -11.25 -28.72
C PRO A 71 11.48 -11.17 -27.20
N GLN A 72 12.47 -10.60 -26.51
CA GLN A 72 12.36 -10.28 -25.08
C GLN A 72 11.58 -8.98 -24.96
N THR A 73 10.26 -9.07 -25.11
CA THR A 73 9.39 -7.90 -25.19
C THR A 73 8.03 -8.23 -24.61
N ILE A 74 7.93 -8.13 -23.29
CA ILE A 74 6.70 -8.42 -22.56
C ILE A 74 5.81 -7.16 -22.55
N VAL A 75 4.50 -7.39 -22.56
CA VAL A 75 3.49 -6.34 -22.77
C VAL A 75 2.23 -6.63 -21.92
N LEU A 76 1.64 -5.60 -21.34
CA LEU A 76 0.41 -5.69 -20.52
C LEU A 76 0.57 -6.52 -19.24
N CYS A 77 1.69 -6.33 -18.54
CA CYS A 77 1.99 -7.05 -17.29
C CYS A 77 2.18 -6.15 -16.08
N GLU A 78 1.91 -4.86 -16.24
CA GLU A 78 2.12 -3.91 -15.17
C GLU A 78 1.03 -4.06 -14.12
N LEU A 79 1.18 -3.32 -13.02
CA LEU A 79 0.22 -3.35 -11.92
C LEU A 79 -1.09 -2.64 -12.24
N ARG A 80 -1.13 -1.84 -13.31
CA ARG A 80 -2.38 -1.18 -13.75
C ARG A 80 -3.39 -2.14 -14.40
N HIS A 81 -2.95 -3.33 -14.82
CA HIS A 81 -3.85 -4.38 -15.38
C HIS A 81 -3.91 -5.59 -14.42
N ASP A 82 -3.82 -5.35 -13.11
CA ASP A 82 -3.48 -6.42 -12.14
C ASP A 82 -4.55 -7.51 -11.95
N ALA A 83 -4.18 -8.56 -11.20
CA ALA A 83 -4.75 -9.89 -11.33
C ALA A 83 -5.67 -10.39 -10.19
N SER A 84 -5.19 -11.31 -9.35
CA SER A 84 -6.07 -12.23 -8.61
C SER A 84 -6.68 -11.63 -7.35
N GLU A 85 -5.90 -11.51 -6.28
CA GLU A 85 -6.41 -11.03 -4.97
C GLU A 85 -6.41 -9.49 -4.85
N ALA A 86 -6.59 -8.80 -5.98
CA ALA A 86 -6.88 -7.36 -6.00
C ALA A 86 -7.54 -6.97 -7.33
N SER A 87 -8.78 -6.50 -7.26
CA SER A 87 -9.44 -5.81 -8.39
C SER A 87 -9.26 -4.28 -8.28
N ALA A 88 -8.19 -3.85 -7.60
CA ALA A 88 -7.77 -2.45 -7.51
C ALA A 88 -7.65 -1.67 -8.84
N PRO A 89 -7.06 -2.29 -9.90
CA PRO A 89 -6.86 -1.58 -11.19
C PRO A 89 -8.05 -0.81 -11.80
N LEU A 90 -8.23 0.43 -11.32
CA LEU A 90 -9.27 1.39 -11.80
C LEU A 90 -10.69 0.82 -12.02
N GLY A 91 -11.48 0.86 -10.95
CA GLY A 91 -12.82 0.27 -10.94
C GLY A 91 -13.44 0.33 -9.55
N THR A 92 -12.69 -0.18 -8.58
CA THR A 92 -13.02 -0.06 -7.16
C THR A 92 -12.29 1.14 -6.54
N SER A 93 -12.89 1.73 -5.51
CA SER A 93 -12.25 2.81 -4.74
C SER A 93 -11.19 2.24 -3.80
N GLU A 94 -10.36 3.11 -3.22
CA GLU A 94 -9.31 2.68 -2.29
C GLU A 94 -9.90 2.16 -0.97
N ILE A 95 -9.20 1.22 -0.35
CA ILE A 95 -9.67 0.54 0.87
C ILE A 95 -9.66 1.53 2.04
N VAL A 96 -10.80 1.62 2.74
CA VAL A 96 -11.00 2.56 3.86
C VAL A 96 -10.45 1.91 5.14
N LEU A 97 -9.88 2.74 6.03
CA LEU A 97 -9.05 2.27 7.16
C LEU A 97 -9.79 2.15 8.50
N VAL A 98 -9.14 1.50 9.46
CA VAL A 98 -9.66 1.32 10.83
C VAL A 98 -8.48 1.19 11.85
N PRO A 99 -7.85 2.33 12.20
CA PRO A 99 -6.69 2.32 13.11
C PRO A 99 -7.08 2.17 14.59
N LYS A 100 -6.08 1.89 15.43
CA LYS A 100 -6.28 1.67 16.87
C LYS A 100 -5.11 2.20 17.72
N TRP A 101 -4.68 3.43 17.41
CA TRP A 101 -3.67 4.16 18.20
C TRP A 101 -4.19 5.56 18.60
N ARG A 102 -5.51 5.71 18.62
CA ARG A 102 -6.17 7.02 18.59
C ARG A 102 -6.68 7.46 19.98
N LEU A 103 -5.77 7.50 20.95
CA LEU A 103 -6.10 8.05 22.28
C LEU A 103 -6.11 9.58 22.17
N LYS A 104 -7.25 10.18 22.48
CA LYS A 104 -7.37 11.64 22.50
C LYS A 104 -7.22 12.21 23.92
N GLU A 105 -7.66 11.43 24.92
CA GLU A 105 -7.59 11.84 26.32
C GLU A 105 -6.14 11.80 26.79
N ARG A 106 -5.53 12.97 26.97
CA ARG A 106 -4.25 13.10 27.68
C ARG A 106 -4.62 13.71 29.03
N MET A 107 -4.42 12.93 30.10
CA MET A 107 -4.85 13.31 31.44
C MET A 107 -3.74 13.96 32.24
N LYS A 108 -4.13 14.77 33.23
CA LYS A 108 -3.21 15.56 34.03
C LYS A 108 -3.52 15.34 35.52
N THR A 109 -2.53 14.85 36.26
CA THR A 109 -2.66 14.71 37.72
C THR A 109 -2.41 16.09 38.34
N GLY A 110 -3.49 16.78 38.71
CA GLY A 110 -3.44 18.18 39.13
C GLY A 110 -3.11 18.43 40.60
N CYS A 111 -3.74 17.66 41.50
CA CYS A 111 -3.53 17.80 42.94
C CYS A 111 -2.79 16.60 43.52
N VAL A 112 -1.94 16.84 44.52
CA VAL A 112 -1.10 15.81 45.15
C VAL A 112 -1.10 16.00 46.67
N ALA A 113 -1.82 15.13 47.38
CA ALA A 113 -1.82 15.12 48.85
C ALA A 113 -0.81 14.11 49.36
N LEU A 114 -0.03 14.50 50.38
CA LEU A 114 1.02 13.67 50.96
C LEU A 114 0.77 13.43 52.46
N VAL A 115 0.16 12.28 52.77
CA VAL A 115 -0.20 11.90 54.14
C VAL A 115 0.93 11.11 54.79
N LEU A 116 1.35 11.54 55.98
CA LEU A 116 2.50 10.98 56.68
C LEU A 116 2.14 10.61 58.12
N CYS A 117 1.84 9.32 58.33
CA CYS A 117 1.60 8.77 59.66
C CYS A 117 2.89 8.09 60.16
N LEU A 118 3.72 8.85 60.86
CA LEU A 118 4.94 8.33 61.47
C LEU A 118 5.27 9.09 62.75
N ASN A 119 4.73 8.61 63.87
CA ASN A 119 4.99 9.20 65.18
C ASN A 119 6.45 8.90 65.54
N ILE A 120 7.28 9.95 65.53
CA ILE A 120 8.75 9.79 65.57
C ILE A 120 9.20 9.29 66.96
N THR A 121 9.88 8.14 66.95
CA THR A 121 10.34 7.39 68.15
C THR A 121 9.26 6.47 68.74
N VAL A 122 8.01 6.93 68.82
CA VAL A 122 6.88 6.12 69.27
C VAL A 122 6.54 5.09 68.18
N ASP A 123 7.16 3.90 68.27
CA ASP A 123 6.99 2.84 67.27
C ASP A 123 5.68 2.09 67.53
N PRO A 124 5.03 1.55 66.46
CA PRO A 124 3.76 0.85 66.65
C PRO A 124 3.94 -0.55 67.27
N PRO A 125 2.87 -1.11 67.87
CA PRO A 125 2.98 -2.40 68.57
C PRO A 125 2.85 -3.65 67.67
N ASP A 126 3.29 -3.57 66.41
CA ASP A 126 3.13 -4.66 65.45
C ASP A 126 4.26 -5.68 65.51
N VAL A 127 5.48 -5.29 65.14
CA VAL A 127 6.66 -6.19 65.10
C VAL A 127 7.95 -5.50 65.58
N ILE A 128 8.49 -4.60 64.74
CA ILE A 128 9.80 -3.94 64.92
C ILE A 128 10.88 -4.86 65.59
N LYS A 129 11.41 -4.50 66.76
CA LYS A 129 12.29 -5.33 67.60
C LYS A 129 13.76 -5.56 67.16
N ILE A 130 14.14 -5.17 65.95
CA ILE A 130 15.54 -5.28 65.50
C ILE A 130 16.33 -4.06 66.00
N SER A 131 17.54 -4.30 66.53
CA SER A 131 18.36 -3.24 67.14
C SER A 131 19.03 -2.27 66.16
N PRO A 132 19.49 -2.75 64.98
CA PRO A 132 19.83 -1.79 63.93
C PRO A 132 18.65 -0.89 63.53
N CYS A 133 17.58 -1.47 62.96
CA CYS A 133 16.33 -0.77 62.60
C CYS A 133 16.50 0.42 61.62
N ALA A 134 16.05 0.23 60.39
CA ALA A 134 16.06 1.32 59.41
C ALA A 134 14.97 2.32 59.74
N ARG A 135 15.30 3.61 59.64
CA ARG A 135 14.30 4.69 59.72
C ARG A 135 14.79 5.94 58.97
N ILE A 136 15.31 5.73 57.77
CA ILE A 136 15.60 6.83 56.84
C ILE A 136 14.36 7.00 55.97
N GLU A 137 13.82 8.22 55.93
CA GLU A 137 12.59 8.52 55.17
C GLU A 137 12.72 9.82 54.39
N ALA A 138 12.65 9.71 53.06
CA ALA A 138 12.99 10.79 52.11
C ALA A 138 14.42 11.29 52.30
N TRP A 139 15.33 10.38 52.62
CA TRP A 139 16.78 10.63 52.80
C TRP A 139 17.11 11.59 53.97
N ILE A 140 16.44 11.37 55.10
CA ILE A 140 16.64 12.15 56.33
C ILE A 140 16.57 11.19 57.53
N ASP A 141 17.29 11.52 58.59
CA ASP A 141 17.17 10.82 59.88
C ASP A 141 16.24 11.64 60.80
N PRO A 142 15.07 11.08 61.18
CA PRO A 142 14.12 11.81 62.03
C PRO A 142 14.54 11.94 63.50
N PHE A 143 15.45 11.09 63.95
CA PHE A 143 16.00 11.17 65.31
C PHE A 143 16.97 12.35 65.48
N SER A 144 17.55 12.83 64.37
CA SER A 144 18.50 13.95 64.38
C SER A 144 17.87 15.34 64.22
N MET A 145 16.54 15.45 64.32
CA MET A 145 15.84 16.75 64.23
C MET A 145 14.59 16.87 65.14
N ALA A 146 14.52 16.10 66.22
CA ALA A 146 13.36 16.08 67.14
C ALA A 146 12.05 15.63 66.45
N PRO A 147 10.93 15.55 67.20
CA PRO A 147 9.64 15.32 66.53
C PRO A 147 9.20 16.34 65.45
N PRO A 148 9.12 17.66 65.78
CA PRO A 148 8.46 18.59 64.86
C PRO A 148 9.23 18.94 63.58
N LYS A 149 10.50 19.34 63.71
CA LYS A 149 11.28 19.83 62.57
C LYS A 149 11.86 18.72 61.68
N ALA A 150 11.90 17.48 62.17
CA ALA A 150 12.15 16.30 61.32
C ALA A 150 10.98 16.08 60.37
N LEU A 151 9.78 16.08 60.96
CA LEU A 151 8.54 15.83 60.24
C LEU A 151 8.22 16.92 59.21
N GLU A 152 8.65 18.16 59.46
CA GLU A 152 8.59 19.24 58.47
C GLU A 152 9.47 18.93 57.26
N THR A 153 10.74 18.61 57.54
CA THR A 153 11.75 18.37 56.50
C THR A 153 11.46 17.11 55.67
N ILE A 154 10.97 16.06 56.32
CA ILE A 154 10.55 14.84 55.62
C ILE A 154 9.33 15.15 54.75
N GLY A 155 8.40 15.93 55.29
CA GLY A 155 7.25 16.42 54.52
C GLY A 155 7.64 17.31 53.34
N LYS A 156 8.64 18.17 53.55
CA LYS A 156 9.16 19.06 52.50
C LYS A 156 9.91 18.31 51.41
N ASN A 157 10.78 17.39 51.83
CA ASN A 157 11.61 16.63 50.88
C ASN A 157 10.77 15.73 49.99
N LEU A 158 9.84 14.98 50.59
CA LEU A 158 8.96 14.07 49.85
C LEU A 158 8.13 14.78 48.76
N SER A 159 7.69 16.01 49.04
CA SER A 159 7.04 16.83 48.02
C SER A 159 8.06 17.27 46.95
N THR A 160 9.25 17.69 47.39
CA THR A 160 10.34 18.07 46.47
C THR A 160 10.76 16.92 45.54
N GLN A 161 10.75 15.70 46.06
CA GLN A 161 11.03 14.48 45.28
C GLN A 161 9.92 14.19 44.24
N TYR A 162 8.67 14.29 44.68
CA TYR A 162 7.49 14.16 43.79
C TYR A 162 7.36 15.30 42.77
N GLU A 163 7.81 16.49 43.15
CA GLU A 163 7.69 17.70 42.33
C GLU A 163 8.48 17.62 41.03
N ARG A 164 9.60 16.88 41.03
CA ARG A 164 10.45 16.76 39.84
C ARG A 164 9.81 15.96 38.69
N TRP A 165 8.89 15.05 39.02
CA TRP A 165 8.15 14.28 38.01
C TRP A 165 6.99 15.08 37.38
N GLN A 166 6.27 15.83 38.22
CA GLN A 166 5.22 16.74 37.75
C GLN A 166 5.43 18.12 38.41
N PRO A 167 6.16 19.02 37.74
CA PRO A 167 6.47 20.33 38.34
C PRO A 167 5.30 21.30 38.46
N ARG A 168 4.33 21.17 37.55
CA ARG A 168 3.18 22.07 37.50
C ARG A 168 1.96 21.32 38.00
N ALA A 169 1.96 21.09 39.31
CA ALA A 169 0.82 20.57 40.06
C ALA A 169 0.86 21.19 41.47
N ARG A 170 -0.16 20.93 42.27
CA ARG A 170 -0.21 21.43 43.66
C ARG A 170 0.02 20.32 44.67
N TYR A 171 0.77 20.66 45.72
CA TYR A 171 1.34 19.70 46.65
C TYR A 171 0.94 20.03 48.09
N LYS A 172 0.01 19.24 48.63
CA LYS A 172 -0.53 19.43 49.98
C LYS A 172 0.10 18.42 50.93
N VAL A 173 0.64 18.92 52.05
CA VAL A 173 1.33 18.09 53.04
C VAL A 173 0.58 18.14 54.37
N GLN A 174 0.35 16.96 54.97
CA GLN A 174 -0.22 16.84 56.32
C GLN A 174 0.49 15.76 57.13
N LEU A 175 0.58 15.99 58.44
CA LEU A 175 1.50 15.28 59.32
C LEU A 175 0.76 14.65 60.51
N ASP A 176 0.74 13.33 60.58
CA ASP A 176 0.04 12.56 61.64
C ASP A 176 -1.41 13.03 61.85
N PRO A 177 -2.22 13.00 60.79
CA PRO A 177 -3.51 13.69 60.82
C PRO A 177 -4.62 12.95 61.57
N THR A 178 -5.67 13.70 61.91
CA THR A 178 -6.93 13.16 62.42
C THR A 178 -7.73 12.60 61.24
N VAL A 179 -8.80 11.85 61.51
CA VAL A 179 -9.73 11.40 60.48
C VAL A 179 -10.30 12.60 59.70
N ASP A 180 -10.82 13.58 60.45
CA ASP A 180 -11.46 14.76 59.87
C ASP A 180 -10.48 15.75 59.18
N GLU A 181 -9.18 15.64 59.50
CA GLU A 181 -8.14 16.40 58.79
C GLU A 181 -7.89 15.86 57.38
N VAL A 182 -7.86 14.53 57.26
CA VAL A 182 -7.79 13.84 55.95
C VAL A 182 -9.07 14.09 55.12
N ARG A 183 -10.21 14.20 55.80
CA ARG A 183 -11.51 14.55 55.19
C ARG A 183 -11.46 15.90 54.48
N LYS A 184 -10.83 16.89 55.12
CA LYS A 184 -10.69 18.24 54.56
C LYS A 184 -9.53 18.39 53.56
N LEU A 185 -8.70 17.35 53.41
CA LEU A 185 -7.79 17.25 52.26
C LEU A 185 -8.55 16.77 51.03
N CYS A 186 -9.10 15.55 51.14
CA CYS A 186 -9.71 14.84 50.00
C CYS A 186 -10.85 15.61 49.31
N LEU A 187 -11.65 16.35 50.07
CA LEU A 187 -12.73 17.17 49.50
C LEU A 187 -12.20 18.40 48.74
N THR A 188 -11.16 19.04 49.28
CA THR A 188 -10.52 20.19 48.63
C THR A 188 -9.82 19.77 47.34
N CYS A 189 -9.21 18.58 47.35
CA CYS A 189 -8.51 18.04 46.18
C CYS A 189 -9.43 17.68 45.01
N ARG A 190 -10.70 17.35 45.29
CA ARG A 190 -11.74 17.25 44.26
C ARG A 190 -12.15 18.63 43.75
N LYS A 191 -12.38 19.55 44.68
CA LYS A 191 -12.75 20.93 44.35
C LYS A 191 -11.64 21.70 43.62
N TYR A 192 -10.38 21.30 43.83
CA TYR A 192 -9.25 21.87 43.09
C TYR A 192 -9.09 21.26 41.70
N ALA A 193 -9.37 19.96 41.58
CA ALA A 193 -9.20 19.21 40.33
C ALA A 193 -10.41 18.30 40.09
N LYS A 194 -11.45 18.85 39.48
CA LYS A 194 -12.71 18.09 39.29
C LYS A 194 -12.53 16.85 38.41
N THR A 195 -12.10 17.05 37.16
CA THR A 195 -11.87 15.97 36.19
C THR A 195 -10.39 15.57 36.12
N GLU A 196 -9.50 16.48 36.54
CA GLU A 196 -8.08 16.18 36.66
C GLU A 196 -7.84 15.22 37.82
N ARG A 197 -6.82 14.39 37.68
CA ARG A 197 -6.53 13.31 38.62
C ARG A 197 -5.89 13.86 39.90
N VAL A 198 -6.09 13.12 41.00
CA VAL A 198 -5.50 13.45 42.31
C VAL A 198 -4.65 12.26 42.76
N LEU A 199 -3.53 12.57 43.40
CA LEU A 199 -2.60 11.56 43.93
C LEU A 199 -2.57 11.61 45.46
N PHE A 200 -3.15 10.59 46.09
CA PHE A 200 -3.16 10.47 47.56
C PHE A 200 -2.07 9.51 48.02
N HIS A 201 -0.94 10.06 48.47
CA HIS A 201 0.19 9.27 48.96
C HIS A 201 0.04 9.02 50.46
N TYR A 202 0.11 7.74 50.86
CA TYR A 202 0.01 7.35 52.27
C TYR A 202 1.32 6.72 52.76
N ASN A 203 1.67 7.03 54.01
CA ASN A 203 2.86 6.49 54.67
C ASN A 203 2.49 6.10 56.10
N GLY A 204 2.49 4.79 56.36
CA GLY A 204 2.08 4.23 57.68
C GLY A 204 3.16 3.42 58.37
N HIS A 205 4.31 4.04 58.60
CA HIS A 205 5.45 3.40 59.28
C HIS A 205 5.38 3.54 60.79
N GLY A 206 4.70 4.58 61.28
CA GLY A 206 4.48 4.78 62.73
C GLY A 206 3.05 4.55 63.18
N VAL A 207 2.35 3.61 62.54
CA VAL A 207 1.00 3.21 62.93
C VAL A 207 0.86 1.71 62.71
N PRO A 208 -0.15 1.07 63.34
CA PRO A 208 -0.41 -0.34 63.03
C PRO A 208 -0.81 -0.59 61.57
N LYS A 209 -0.63 -1.82 61.13
CA LYS A 209 -0.86 -2.20 59.73
C LYS A 209 -2.36 -2.33 59.40
N PRO A 210 -2.74 -2.24 58.09
CA PRO A 210 -4.16 -2.28 57.74
C PRO A 210 -4.85 -3.63 57.99
N THR A 211 -6.16 -3.57 58.20
CA THR A 211 -6.94 -4.72 58.65
C THR A 211 -7.53 -5.51 57.49
N ALA A 212 -8.01 -6.70 57.81
CA ALA A 212 -8.76 -7.54 56.86
C ALA A 212 -10.08 -6.89 56.43
N ASN A 213 -10.66 -6.09 57.33
CA ASN A 213 -11.87 -5.31 57.02
C ASN A 213 -11.66 -4.19 55.99
N GLY A 214 -10.42 -3.69 55.88
CA GLY A 214 -10.10 -2.57 55.00
C GLY A 214 -10.14 -1.28 55.81
N GLU A 215 -9.12 -1.09 56.63
CA GLU A 215 -9.12 -0.04 57.65
C GLU A 215 -7.69 0.53 57.82
N ILE A 216 -7.45 1.65 57.16
CA ILE A 216 -6.19 2.41 57.29
C ILE A 216 -6.19 3.12 58.65
N TRP A 217 -5.04 3.05 59.36
CA TRP A 217 -4.91 3.64 60.70
C TRP A 217 -4.33 5.05 60.66
N VAL A 218 -4.94 5.96 61.43
CA VAL A 218 -4.50 7.36 61.54
C VAL A 218 -4.46 7.71 63.03
N PHE A 219 -4.23 8.98 63.37
CA PHE A 219 -4.12 9.43 64.76
C PHE A 219 -5.36 10.19 65.24
N ASN A 220 -5.34 10.61 66.51
CA ASN A 220 -6.31 11.55 67.06
C ASN A 220 -5.61 12.86 67.41
N LYS A 221 -6.34 13.79 68.04
CA LYS A 221 -5.82 15.13 68.37
C LYS A 221 -4.64 15.07 69.36
N SER A 222 -4.85 14.36 70.48
CA SER A 222 -3.88 14.26 71.58
C SER A 222 -2.72 13.26 71.36
N TYR A 223 -2.79 12.47 70.29
CA TYR A 223 -1.80 11.42 69.96
C TYR A 223 -1.77 10.28 70.97
N THR A 224 -2.96 9.88 71.42
CA THR A 224 -3.15 8.75 72.34
C THR A 224 -3.54 7.47 71.61
N GLN A 225 -4.58 7.58 70.76
CA GLN A 225 -5.16 6.43 70.06
C GLN A 225 -4.82 6.40 68.57
N TYR A 226 -4.78 5.20 68.01
CA TYR A 226 -4.77 4.99 66.56
C TYR A 226 -6.21 4.88 66.06
N ILE A 227 -6.70 5.92 65.38
CA ILE A 227 -8.10 5.96 64.93
C ILE A 227 -8.25 5.16 63.62
N PRO A 228 -9.27 4.26 63.53
CA PRO A 228 -9.51 3.50 62.30
C PRO A 228 -10.29 4.30 61.24
N LEU A 229 -9.66 4.54 60.09
CA LEU A 229 -10.30 5.20 58.95
C LEU A 229 -10.53 4.16 57.84
N PRO A 230 -11.81 3.79 57.57
CA PRO A 230 -12.06 2.81 56.50
C PRO A 230 -11.74 3.30 55.09
N ILE A 231 -11.59 2.35 54.18
CA ILE A 231 -11.31 2.62 52.77
C ILE A 231 -12.55 3.17 52.07
N SER A 232 -13.73 2.69 52.48
CA SER A 232 -15.02 3.16 51.95
C SER A 232 -15.18 4.69 52.04
N GLU A 233 -14.74 5.26 53.15
CA GLU A 233 -14.84 6.71 53.38
C GLU A 233 -13.83 7.52 52.55
N LEU A 234 -12.61 6.99 52.38
CA LEU A 234 -11.63 7.58 51.46
C LEU A 234 -12.17 7.69 50.04
N ASP A 235 -12.60 6.54 49.50
CA ASP A 235 -13.08 6.42 48.11
C ASP A 235 -14.34 7.26 47.82
N SER A 236 -15.15 7.53 48.85
CA SER A 236 -16.28 8.45 48.73
C SER A 236 -15.87 9.93 48.61
N TRP A 237 -14.65 10.26 49.05
CA TRP A 237 -14.08 11.61 48.90
C TRP A 237 -13.20 11.78 47.65
N LEU A 238 -12.78 10.66 47.04
CA LEU A 238 -11.91 10.67 45.86
C LEU A 238 -12.44 9.71 44.79
N LYS A 239 -13.12 10.26 43.79
CA LYS A 239 -13.84 9.47 42.79
C LYS A 239 -13.22 9.58 41.39
N THR A 240 -13.73 8.78 40.45
CA THR A 240 -13.16 8.47 39.11
C THR A 240 -11.64 8.78 38.91
N PRO A 241 -11.26 10.00 38.46
CA PRO A 241 -9.81 10.16 38.25
C PRO A 241 -9.05 10.30 39.58
N SER A 242 -8.46 9.21 40.05
CA SER A 242 -7.64 9.21 41.26
C SER A 242 -6.56 8.13 41.22
N ILE A 243 -5.50 8.34 42.00
CA ILE A 243 -4.41 7.35 42.14
C ILE A 243 -3.85 7.36 43.56
N TYR A 244 -3.66 6.18 44.14
CA TYR A 244 -3.15 6.02 45.50
C TYR A 244 -1.79 5.36 45.48
N VAL A 245 -0.94 5.74 46.43
CA VAL A 245 0.34 5.08 46.70
C VAL A 245 0.34 4.70 48.17
N PHE A 246 0.42 3.41 48.46
CA PHE A 246 0.44 2.91 49.85
C PHE A 246 1.82 2.37 50.21
N ASP A 247 2.58 3.17 50.97
CA ASP A 247 3.87 2.75 51.54
C ASP A 247 3.65 2.45 53.01
N CYS A 248 3.00 1.32 53.25
CA CYS A 248 2.79 0.76 54.58
C CYS A 248 3.18 -0.71 54.52
N SER A 249 3.01 -1.44 55.62
CA SER A 249 3.33 -2.87 55.66
C SER A 249 2.33 -3.66 54.82
N ALA A 250 1.29 -4.24 55.42
CA ALA A 250 0.37 -5.12 54.69
C ALA A 250 -0.53 -4.32 53.74
N ALA A 251 -0.02 -4.05 52.53
CA ALA A 251 -0.68 -3.15 51.58
C ALA A 251 -1.83 -3.78 50.80
N ARG A 252 -1.70 -5.07 50.45
CA ARG A 252 -2.81 -5.85 49.85
C ARG A 252 -4.13 -5.74 50.63
N MET A 253 -4.03 -5.63 51.95
CA MET A 253 -5.20 -5.42 52.82
C MET A 253 -5.97 -4.13 52.47
N ILE A 254 -5.31 -3.19 51.77
CA ILE A 254 -5.96 -2.02 51.19
C ILE A 254 -6.47 -2.28 49.76
N LEU A 255 -5.64 -2.87 48.90
CA LEU A 255 -6.02 -3.17 47.52
C LEU A 255 -7.22 -4.12 47.43
N ASN A 256 -7.25 -5.13 48.30
CA ASN A 256 -8.40 -6.05 48.40
C ASN A 256 -9.66 -5.34 48.91
N ALA A 257 -9.47 -4.39 49.83
CA ALA A 257 -10.58 -3.59 50.36
C ALA A 257 -11.20 -2.68 49.29
N PHE A 258 -10.34 -2.07 48.47
CA PHE A 258 -10.79 -1.26 47.33
C PHE A 258 -11.55 -2.08 46.29
N ALA A 259 -11.07 -3.28 45.97
CA ALA A 259 -11.70 -4.16 45.00
C ALA A 259 -13.12 -4.59 45.38
N GLU A 260 -13.36 -4.72 46.69
CA GLU A 260 -14.66 -5.11 47.23
C GLU A 260 -15.60 -3.93 47.55
N LEU A 261 -15.17 -2.69 47.27
CA LEU A 261 -16.06 -1.53 47.37
C LEU A 261 -17.13 -1.60 46.28
N HIS A 262 -16.68 -1.67 45.04
CA HIS A 262 -17.55 -1.57 43.86
C HIS A 262 -17.80 -2.95 43.24
N ASP A 263 -19.00 -3.11 42.70
CA ASP A 263 -19.51 -4.42 42.25
C ASP A 263 -18.78 -4.92 41.00
N TRP A 264 -18.66 -6.26 40.91
CA TRP A 264 -18.03 -6.91 39.76
C TRP A 264 -18.99 -6.94 38.57
N GLY A 265 -18.41 -6.81 37.37
CA GLY A 265 -19.14 -6.55 36.14
C GLY A 265 -18.46 -5.40 35.42
N SER A 266 -19.26 -4.50 34.85
CA SER A 266 -18.77 -3.28 34.16
C SER A 266 -17.85 -3.59 32.96
N SER A 267 -16.61 -4.01 33.24
CA SER A 267 -15.63 -4.40 32.22
C SER A 267 -15.41 -5.91 32.24
N GLY A 268 -14.71 -6.41 31.22
CA GLY A 268 -14.42 -7.84 31.07
C GLY A 268 -13.04 -8.30 31.51
N SER A 269 -12.38 -7.50 32.37
CA SER A 269 -11.02 -7.77 32.82
C SER A 269 -11.02 -8.66 34.09
N SER A 270 -9.87 -8.74 34.79
CA SER A 270 -9.70 -9.60 35.98
C SER A 270 -10.64 -9.23 37.14
N GLY A 271 -10.55 -7.99 37.61
CA GLY A 271 -11.40 -7.51 38.70
C GLY A 271 -11.33 -6.00 38.89
N SER A 272 -11.96 -5.27 37.96
CA SER A 272 -11.85 -3.80 37.90
C SER A 272 -13.03 -3.16 37.13
N SER A 273 -13.36 -1.92 37.50
CA SER A 273 -14.46 -1.16 36.86
C SER A 273 -14.17 0.36 36.78
N ARG A 274 -13.85 0.96 37.92
CA ARG A 274 -13.50 2.39 38.03
C ARG A 274 -12.21 2.78 37.31
N ASP A 275 -11.95 4.09 37.28
CA ASP A 275 -10.66 4.67 36.89
C ASP A 275 -9.79 4.96 38.12
N CYS A 276 -9.87 4.09 39.13
CA CYS A 276 -9.14 4.24 40.40
C CYS A 276 -7.89 3.34 40.39
N ILE A 277 -6.72 3.95 40.27
CA ILE A 277 -5.45 3.25 40.11
C ILE A 277 -4.72 3.16 41.46
N LEU A 278 -4.08 2.02 41.73
CA LEU A 278 -3.45 1.79 43.05
C LEU A 278 -2.01 1.27 42.91
N LEU A 279 -1.14 1.70 43.82
CA LEU A 279 0.24 1.22 43.92
C LEU A 279 0.50 0.80 45.36
N ALA A 280 0.86 -0.47 45.56
CA ALA A 280 0.99 -1.08 46.89
C ALA A 280 2.34 -1.76 47.10
N ALA A 281 2.90 -1.58 48.31
CA ALA A 281 4.29 -1.95 48.61
C ALA A 281 4.56 -3.45 48.75
N CYS A 282 3.65 -4.18 49.41
CA CYS A 282 3.82 -5.62 49.62
C CYS A 282 2.50 -6.33 49.97
N ASP A 283 2.55 -7.67 50.12
CA ASP A 283 1.35 -8.51 50.36
C ASP A 283 0.68 -8.33 51.74
N VAL A 284 -0.43 -9.05 51.93
CA VAL A 284 -1.14 -9.13 53.22
C VAL A 284 -0.21 -9.60 54.35
N HIS A 285 0.53 -10.67 54.07
CA HIS A 285 1.39 -11.33 55.07
C HIS A 285 2.81 -10.76 55.20
N GLU A 286 3.16 -9.76 54.41
CA GLU A 286 4.53 -9.27 54.33
C GLU A 286 4.72 -7.96 55.09
N THR A 287 5.90 -7.82 55.71
CA THR A 287 6.31 -6.64 56.46
C THR A 287 7.41 -5.92 55.68
N LEU A 288 7.44 -4.59 55.77
CA LEU A 288 8.51 -3.81 55.13
C LEU A 288 9.85 -4.04 55.84
N PRO A 289 10.97 -3.90 55.11
CA PRO A 289 12.27 -4.23 55.71
C PRO A 289 12.67 -3.33 56.86
N GLN A 290 13.35 -3.92 57.84
CA GLN A 290 13.90 -3.22 59.01
C GLN A 290 15.43 -3.11 58.91
N SER A 291 16.01 -3.61 57.82
CA SER A 291 17.46 -3.65 57.63
C SER A 291 18.00 -2.28 57.22
N VAL A 292 19.15 -1.90 57.79
CA VAL A 292 19.70 -0.53 57.65
C VAL A 292 20.21 -0.25 56.22
N GLU A 293 20.65 -1.31 55.53
CA GLU A 293 20.95 -1.23 54.08
C GLU A 293 19.78 -0.73 53.22
N PHE A 294 18.55 -0.93 53.69
CA PHE A 294 17.37 -0.27 53.12
C PHE A 294 16.98 0.90 54.01
N PRO A 295 16.28 1.90 53.44
CA PRO A 295 15.56 2.87 54.28
C PRO A 295 14.22 2.29 54.76
N ALA A 296 13.52 3.05 55.60
CA ALA A 296 12.14 2.70 56.00
C ALA A 296 11.14 3.24 54.98
N ASP A 297 11.61 3.47 53.76
CA ASP A 297 10.92 4.30 52.80
C ASP A 297 11.25 3.81 51.39
N VAL A 298 11.38 2.49 51.24
CA VAL A 298 12.01 1.88 50.07
C VAL A 298 11.07 2.02 48.88
N PHE A 299 9.79 1.80 49.12
CA PHE A 299 8.78 1.91 48.07
C PHE A 299 8.66 3.35 47.56
N THR A 300 8.54 4.30 48.49
CA THR A 300 8.47 5.73 48.15
C THR A 300 9.75 6.22 47.45
N SER A 301 10.90 5.72 47.90
CA SER A 301 12.18 6.04 47.29
C SER A 301 12.36 5.39 45.91
N CYS A 302 11.85 4.16 45.75
CA CYS A 302 11.86 3.49 44.44
C CYS A 302 11.01 4.27 43.44
N LEU A 303 9.79 4.63 43.82
CA LEU A 303 8.85 5.32 42.94
C LEU A 303 9.25 6.76 42.62
N THR A 304 9.82 7.42 43.62
CA THR A 304 10.06 8.87 43.55
C THR A 304 11.52 9.24 43.28
N THR A 305 12.46 8.46 43.82
CA THR A 305 13.90 8.67 43.58
C THR A 305 14.56 7.38 43.06
N PRO A 306 14.18 6.92 41.85
CA PRO A 306 14.57 5.61 41.32
C PRO A 306 16.06 5.42 41.05
N ILE A 307 16.73 6.44 40.49
CA ILE A 307 18.17 6.34 40.13
C ILE A 307 19.04 6.27 41.39
N LYS A 308 18.79 7.18 42.32
CA LYS A 308 19.48 7.20 43.62
C LYS A 308 19.28 5.87 44.34
N MET A 309 18.03 5.42 44.40
CA MET A 309 17.69 4.14 45.02
C MET A 309 18.29 2.93 44.26
N ALA A 310 18.25 2.96 42.93
CA ALA A 310 18.78 1.85 42.11
C ALA A 310 20.29 1.69 42.25
N LEU A 311 21.02 2.81 42.32
CA LEU A 311 22.48 2.80 42.46
C LEU A 311 22.95 2.39 43.85
N LYS A 312 22.31 2.92 44.90
CA LYS A 312 22.64 2.53 46.28
C LYS A 312 22.38 1.04 46.53
N TRP A 313 21.30 0.54 45.95
CA TRP A 313 20.99 -0.90 45.96
C TRP A 313 22.02 -1.72 45.18
N PHE A 314 22.47 -1.19 44.06
CA PHE A 314 23.51 -1.83 43.24
C PHE A 314 24.85 -1.95 43.99
N CYS A 315 25.18 -0.96 44.83
CA CYS A 315 26.41 -1.01 45.62
C CYS A 315 26.32 -2.08 46.71
N ARG A 316 25.31 -1.95 47.56
CA ARG A 316 25.10 -2.84 48.70
C ARG A 316 24.85 -4.30 48.27
N ARG A 317 23.98 -4.48 47.27
CA ARG A 317 23.44 -5.80 46.91
C ARG A 317 23.98 -6.35 45.57
N SER A 318 25.26 -6.11 45.27
CA SER A 318 25.93 -6.74 44.11
C SER A 318 27.46 -6.56 44.08
N LEU A 319 27.92 -5.31 44.18
CA LEU A 319 29.36 -5.00 44.22
C LEU A 319 29.97 -5.08 45.62
N LEU A 320 29.12 -5.22 46.64
CA LEU A 320 29.52 -5.26 48.07
C LEU A 320 29.99 -3.92 48.65
N LYS A 321 29.68 -2.80 47.98
CA LYS A 321 29.76 -1.42 48.52
C LYS A 321 31.12 -0.84 48.98
N GLU A 322 31.93 -1.62 49.69
CA GLU A 322 33.13 -1.11 50.40
C GLU A 322 34.26 -0.53 49.52
N ILE A 323 34.15 -0.68 48.20
CA ILE A 323 35.04 -0.02 47.23
C ILE A 323 34.55 1.40 46.92
N ILE A 324 33.32 1.49 46.40
CA ILE A 324 32.77 2.74 45.83
C ILE A 324 31.95 3.51 46.84
N ASP A 325 32.54 4.59 47.35
CA ASP A 325 31.91 5.48 48.34
C ASP A 325 30.47 5.80 47.94
N GLU A 326 29.54 5.54 48.86
CA GLU A 326 28.10 5.60 48.59
C GLU A 326 27.50 6.99 48.75
N SER A 327 28.27 7.94 49.30
CA SER A 327 27.90 9.35 49.28
C SER A 327 28.21 10.03 47.93
N LEU A 328 28.95 9.35 47.04
CA LEU A 328 29.12 9.80 45.65
C LEU A 328 27.81 9.73 44.85
N ILE A 329 26.91 8.84 45.25
CA ILE A 329 25.59 8.72 44.63
C ILE A 329 24.71 9.94 44.95
N ASP A 330 24.91 10.52 46.14
CA ASP A 330 24.29 11.80 46.50
C ASP A 330 24.89 12.97 45.70
N ARG A 331 26.15 12.81 45.28
CA ARG A 331 26.93 13.83 44.57
C ARG A 331 27.19 13.49 43.08
N ILE A 332 26.22 12.90 42.39
CA ILE A 332 26.38 12.56 40.97
C ILE A 332 26.33 13.86 40.15
N PRO A 333 27.31 14.07 39.23
CA PRO A 333 27.39 15.32 38.48
C PRO A 333 26.28 15.50 37.45
N GLY A 334 25.82 16.74 37.30
CA GLY A 334 24.77 17.10 36.34
C GLY A 334 23.38 17.12 36.95
N ARG A 335 22.39 17.27 36.08
CA ARG A 335 20.97 17.28 36.48
C ARG A 335 20.19 16.25 35.65
N GLN A 336 18.96 15.99 36.08
CA GLN A 336 18.09 14.94 35.52
C GLN A 336 17.73 15.14 34.05
N ASN A 337 17.60 16.39 33.63
CA ASN A 337 17.15 16.75 32.28
C ASN A 337 18.27 16.73 31.23
N ASP A 338 19.49 17.09 31.61
CA ASP A 338 20.62 17.10 30.68
C ASP A 338 21.06 15.71 30.31
N ARG A 339 20.66 15.25 29.12
CA ARG A 339 21.12 13.96 28.57
C ARG A 339 22.61 13.96 28.20
N LYS A 340 23.21 15.15 28.06
CA LYS A 340 24.65 15.27 27.85
C LYS A 340 25.48 15.27 29.16
N THR A 341 24.82 15.05 30.31
CA THR A 341 25.51 14.86 31.59
C THR A 341 25.31 13.43 32.11
N LEU A 342 26.03 13.06 33.15
CA LEU A 342 25.99 11.71 33.70
C LEU A 342 24.63 11.42 34.33
N LEU A 343 24.24 12.25 35.29
CA LEU A 343 22.97 12.04 36.02
C LEU A 343 21.78 11.92 35.06
N GLY A 344 21.76 12.76 34.01
CA GLY A 344 20.67 12.78 33.05
C GLY A 344 20.67 11.59 32.11
N GLU A 345 21.81 11.26 31.53
CA GLU A 345 21.94 10.08 30.66
C GLU A 345 21.59 8.79 31.41
N LEU A 346 22.04 8.72 32.66
CA LEU A 346 21.71 7.62 33.55
C LEU A 346 20.21 7.54 33.80
N ASN A 347 19.59 8.71 33.98
CA ASN A 347 18.14 8.85 34.12
C ASN A 347 17.39 8.48 32.83
N TRP A 348 17.88 9.03 31.73
CA TRP A 348 17.40 8.78 30.37
C TRP A 348 17.42 7.29 30.01
N ILE A 349 18.53 6.61 30.29
CA ILE A 349 18.66 5.17 30.00
C ILE A 349 17.61 4.35 30.77
N PHE A 350 17.42 4.67 32.04
CA PHE A 350 16.43 4.02 32.93
C PHE A 350 14.99 4.17 32.41
N THR A 351 14.66 5.34 31.88
CA THR A 351 13.37 5.54 31.23
C THR A 351 13.25 4.64 29.99
N ALA A 352 14.25 4.69 29.12
CA ALA A 352 14.30 3.82 27.94
C ALA A 352 14.20 2.33 28.30
N VAL A 353 14.98 1.90 29.30
CA VAL A 353 14.97 0.50 29.77
C VAL A 353 13.59 0.11 30.27
N THR A 354 13.12 0.85 31.25
CA THR A 354 11.91 0.51 31.97
C THR A 354 10.65 0.62 31.10
N ASP A 355 10.61 1.65 30.26
CA ASP A 355 9.55 1.78 29.24
C ASP A 355 9.55 0.64 28.22
N THR A 356 10.73 0.15 27.85
CA THR A 356 10.86 -1.04 26.99
C THR A 356 10.34 -2.32 27.66
N ILE A 357 10.58 -2.44 28.97
CA ILE A 357 10.04 -3.57 29.75
C ILE A 357 8.52 -3.50 29.76
N ALA A 358 7.97 -2.30 29.94
CA ALA A 358 6.53 -2.10 29.96
C ALA A 358 5.87 -2.40 28.61
N TRP A 359 6.53 -2.05 27.51
CA TRP A 359 5.94 -2.23 26.17
C TRP A 359 5.92 -3.68 25.69
N ASN A 360 7.02 -4.41 25.90
CA ASN A 360 7.09 -5.82 25.52
C ASN A 360 6.18 -6.73 26.35
N VAL A 361 5.95 -6.37 27.61
CA VAL A 361 5.26 -7.23 28.56
C VAL A 361 3.74 -7.01 28.57
N LEU A 362 3.30 -5.76 28.56
CA LEU A 362 1.86 -5.41 28.63
C LEU A 362 1.16 -5.39 27.27
N PRO A 363 -0.17 -5.63 27.25
CA PRO A 363 -0.94 -5.46 26.01
C PRO A 363 -1.13 -3.98 25.67
N HIS A 364 -1.32 -3.70 24.37
CA HIS A 364 -1.46 -2.33 23.85
C HIS A 364 -2.32 -1.44 24.74
N GLU A 365 -3.52 -1.91 25.07
CA GLU A 365 -4.54 -1.11 25.78
C GLU A 365 -4.12 -0.68 27.20
N LEU A 366 -3.48 -1.60 27.94
CA LEU A 366 -3.03 -1.30 29.30
C LEU A 366 -1.77 -0.46 29.28
N PHE A 367 -0.81 -0.85 28.45
CA PHE A 367 0.42 -0.08 28.26
C PHE A 367 0.11 1.37 27.92
N GLN A 368 -0.73 1.55 26.91
CA GLN A 368 -1.15 2.88 26.48
C GLN A 368 -1.74 3.68 27.66
N ARG A 369 -2.59 3.03 28.45
CA ARG A 369 -3.25 3.69 29.60
C ARG A 369 -2.26 4.20 30.65
N LEU A 370 -1.43 3.28 31.15
CA LEU A 370 -0.57 3.54 32.31
C LEU A 370 0.71 4.31 31.99
N PHE A 371 1.30 4.05 30.81
CA PHE A 371 2.59 4.64 30.41
C PHE A 371 2.52 5.75 29.35
N ARG A 372 1.34 6.09 28.83
CA ARG A 372 1.20 7.14 27.79
C ARG A 372 0.21 8.29 28.09
N GLN A 373 -0.83 8.02 28.87
CA GLN A 373 -1.95 8.95 29.04
C GLN A 373 -1.61 10.12 29.96
N ASP A 374 -1.06 9.80 31.14
CA ASP A 374 -0.69 10.79 32.16
C ASP A 374 0.79 10.62 32.47
N LEU A 375 1.54 11.72 32.46
CA LEU A 375 3.00 11.67 32.60
C LEU A 375 3.44 11.27 33.99
N LEU A 376 2.68 11.65 35.02
CA LEU A 376 2.98 11.26 36.40
C LEU A 376 2.66 9.80 36.63
N VAL A 377 1.50 9.36 36.13
CA VAL A 377 1.08 7.94 36.23
C VAL A 377 2.05 7.05 35.45
N ALA A 378 2.57 7.54 34.33
CA ALA A 378 3.66 6.86 33.60
C ALA A 378 4.92 6.74 34.47
N SER A 379 5.38 7.88 35.00
CA SER A 379 6.60 7.92 35.83
C SER A 379 6.49 7.00 37.04
N LEU A 380 5.35 7.06 37.73
CA LEU A 380 5.12 6.21 38.89
C LEU A 380 5.11 4.72 38.52
N PHE A 381 4.50 4.38 37.38
CA PHE A 381 4.50 2.98 36.92
C PHE A 381 5.84 2.50 36.35
N ARG A 382 6.60 3.41 35.73
CA ARG A 382 7.97 3.09 35.32
C ARG A 382 8.82 2.80 36.55
N ASN A 383 8.81 3.74 37.50
CA ASN A 383 9.61 3.59 38.71
C ASN A 383 9.08 2.47 39.65
N PHE A 384 7.79 2.12 39.51
CA PHE A 384 7.24 0.93 40.18
C PHE A 384 7.97 -0.36 39.78
N LEU A 385 8.34 -0.48 38.49
CA LEU A 385 9.07 -1.66 38.02
C LEU A 385 10.46 -1.84 38.66
N LEU A 386 11.05 -0.76 39.19
CA LEU A 386 12.23 -0.84 40.06
C LEU A 386 11.84 -1.45 41.42
N ALA A 387 10.79 -0.92 42.04
CA ALA A 387 10.27 -1.45 43.30
C ALA A 387 10.00 -2.94 43.18
N GLU A 388 9.28 -3.31 42.13
CA GLU A 388 9.07 -4.72 41.77
C GLU A 388 10.33 -5.56 42.06
N ARG A 389 11.45 -5.11 41.51
CA ARG A 389 12.73 -5.80 41.59
C ARG A 389 13.48 -5.63 42.93
N ILE A 390 13.55 -4.40 43.43
CA ILE A 390 14.30 -4.07 44.67
C ILE A 390 13.57 -4.59 45.91
N MET A 391 12.25 -4.37 45.99
CA MET A 391 11.43 -4.88 47.11
C MET A 391 11.48 -6.41 47.19
N ARG A 392 11.68 -7.07 46.04
CA ARG A 392 11.84 -8.53 45.97
C ARG A 392 13.02 -9.05 46.80
N SER A 393 14.11 -8.28 46.85
CA SER A 393 15.28 -8.63 47.69
C SER A 393 15.10 -8.33 49.19
N ALA A 394 13.97 -7.73 49.56
CA ALA A 394 13.64 -7.39 50.95
C ALA A 394 12.38 -8.13 51.46
N ASN A 395 12.15 -9.33 50.92
CA ASN A 395 11.00 -10.19 51.31
C ASN A 395 9.64 -9.50 51.11
N CYS A 396 9.49 -8.78 49.99
CA CYS A 396 8.27 -8.02 49.68
C CYS A 396 7.87 -8.17 48.21
N ASN A 397 6.58 -8.38 47.96
CA ASN A 397 6.01 -8.52 46.61
C ASN A 397 4.98 -7.42 46.36
N PRO A 398 5.37 -6.35 45.64
CA PRO A 398 4.45 -5.23 45.49
C PRO A 398 3.41 -5.50 44.41
N ILE A 399 2.32 -4.74 44.48
CA ILE A 399 1.15 -4.93 43.59
C ILE A 399 0.57 -3.58 43.19
N SER A 400 -0.13 -3.60 42.07
CA SER A 400 -0.81 -2.44 41.52
C SER A 400 -2.22 -2.88 41.16
N HIS A 401 -3.17 -1.95 41.12
CA HIS A 401 -4.58 -2.33 40.87
C HIS A 401 -4.79 -2.77 39.42
N PRO A 402 -4.29 -2.01 38.45
CA PRO A 402 -4.08 -2.63 37.13
C PRO A 402 -2.88 -3.57 37.22
N MET A 403 -3.15 -4.78 37.71
CA MET A 403 -2.12 -5.73 38.17
C MET A 403 -0.75 -5.66 37.50
N LEU A 404 -0.74 -5.78 36.18
CA LEU A 404 0.45 -6.00 35.36
C LEU A 404 1.28 -7.26 35.74
N PRO A 405 1.70 -8.08 34.74
CA PRO A 405 2.34 -9.36 35.05
C PRO A 405 3.82 -9.22 35.45
N PRO A 406 4.46 -10.33 35.92
CA PRO A 406 5.85 -10.26 36.38
C PRO A 406 6.83 -9.53 35.45
N THR A 407 7.53 -8.54 36.01
CA THR A 407 8.52 -7.71 35.28
C THR A 407 9.97 -7.89 35.73
N HIS A 408 10.19 -8.33 36.98
CA HIS A 408 11.56 -8.56 37.50
C HIS A 408 12.28 -9.66 36.74
N GLN A 409 13.61 -9.53 36.70
CA GLN A 409 14.49 -10.35 35.85
C GLN A 409 13.95 -10.64 34.44
N HIS A 410 13.57 -9.57 33.75
CA HIS A 410 13.38 -9.59 32.31
C HIS A 410 14.73 -9.27 31.66
N HIS A 411 15.05 -9.97 30.58
CA HIS A 411 16.15 -9.58 29.69
C HIS A 411 15.90 -8.13 29.25
N MET A 412 16.59 -7.20 29.92
CA MET A 412 16.49 -5.74 29.72
C MET A 412 17.04 -5.02 30.94
N TRP A 413 16.71 -5.53 32.13
CA TRP A 413 17.41 -5.14 33.36
C TRP A 413 18.91 -5.47 33.30
N ASP A 414 19.26 -6.56 32.61
CA ASP A 414 20.64 -6.86 32.23
C ASP A 414 21.34 -5.65 31.62
N ALA A 415 20.72 -5.06 30.61
CA ALA A 415 21.23 -3.85 29.95
C ALA A 415 21.38 -2.66 30.88
N TRP A 416 20.45 -2.52 31.82
CA TRP A 416 20.51 -1.48 32.86
C TRP A 416 21.65 -1.72 33.84
N ASP A 417 21.83 -2.99 34.24
CA ASP A 417 22.87 -3.34 35.21
C ASP A 417 24.24 -3.09 34.63
N MET A 418 24.41 -3.48 33.37
CA MET A 418 25.57 -3.09 32.57
C MET A 418 25.79 -1.58 32.58
N ALA A 419 24.75 -0.84 32.21
CA ALA A 419 24.81 0.63 32.13
C ALA A 419 25.17 1.30 33.45
N ALA A 420 24.55 0.86 34.54
CA ALA A 420 24.80 1.42 35.88
C ALA A 420 26.21 1.14 36.40
N GLU A 421 26.72 -0.08 36.18
CA GLU A 421 28.05 -0.46 36.67
C GLU A 421 29.16 0.39 36.01
N ILE A 422 29.11 0.49 34.68
CA ILE A 422 30.05 1.29 33.89
C ILE A 422 30.00 2.75 34.38
N CYS A 423 28.78 3.26 34.57
CA CYS A 423 28.56 4.60 35.14
C CYS A 423 29.18 4.76 36.53
N LEU A 424 28.97 3.78 37.40
CA LEU A 424 29.51 3.81 38.77
C LEU A 424 31.03 3.75 38.83
N SER A 425 31.68 3.07 37.87
CA SER A 425 33.14 3.01 37.82
C SER A 425 33.73 4.38 37.45
N GLN A 426 33.03 5.09 36.58
CA GLN A 426 33.39 6.44 36.15
C GLN A 426 33.22 7.51 37.25
N LEU A 427 32.33 7.22 38.21
CA LEU A 427 31.95 8.17 39.27
C LEU A 427 33.09 8.60 40.19
N PRO A 428 34.02 7.67 40.45
CA PRO A 428 35.23 7.95 41.22
C PRO A 428 36.03 9.14 40.67
N GLN A 429 36.13 9.22 39.35
CA GLN A 429 36.99 10.20 38.68
C GLN A 429 36.33 11.58 38.52
N LEU A 430 35.04 11.58 38.15
CA LEU A 430 34.32 12.83 37.88
C LEU A 430 34.18 13.72 39.10
N VAL A 431 34.03 13.10 40.27
CA VAL A 431 33.91 13.87 41.52
C VAL A 431 35.24 14.50 41.95
N LEU A 432 36.37 13.81 41.70
CA LEU A 432 37.71 14.31 42.04
C LEU A 432 37.92 15.71 41.49
N ASP A 433 37.80 15.83 40.18
CA ASP A 433 37.81 17.13 39.48
C ASP A 433 36.69 17.15 38.44
N PRO A 434 35.91 18.24 38.37
CA PRO A 434 34.94 18.34 37.27
C PRO A 434 35.65 18.56 35.92
N SER A 435 36.18 17.46 35.39
CA SER A 435 36.89 17.46 34.11
C SER A 435 35.91 17.28 32.95
N THR A 436 34.65 16.95 33.27
CA THR A 436 33.61 16.53 32.32
C THR A 436 34.15 15.56 31.24
N GLU A 437 35.04 14.65 31.66
CA GLU A 437 35.56 13.58 30.80
C GLU A 437 34.57 12.45 30.95
N PHE A 438 33.38 12.70 30.40
CA PHE A 438 32.19 11.90 30.63
C PHE A 438 31.91 11.09 29.36
N GLN A 439 32.24 9.81 29.40
CA GLN A 439 31.95 8.90 28.28
C GLN A 439 30.44 8.66 28.26
N PRO A 440 29.79 8.90 27.10
CA PRO A 440 28.40 8.44 26.97
C PRO A 440 28.34 6.91 26.98
N SER A 441 27.35 6.35 27.67
CA SER A 441 27.15 4.89 27.69
C SER A 441 26.86 4.39 26.28
N PRO A 442 27.40 3.21 25.93
CA PRO A 442 27.12 2.62 24.62
C PRO A 442 25.69 2.06 24.45
N PHE A 443 24.91 2.02 25.55
CA PHE A 443 23.50 1.59 25.57
C PHE A 443 22.67 1.88 24.32
N PHE A 444 22.67 3.13 23.87
CA PHE A 444 21.84 3.52 22.71
C PHE A 444 22.41 3.01 21.39
N THR A 445 23.72 3.15 21.19
CA THR A 445 24.41 2.59 20.02
C THR A 445 24.22 1.06 19.95
N GLU A 446 24.40 0.39 21.09
CA GLU A 446 24.32 -1.06 21.16
C GLU A 446 22.96 -1.60 20.75
N GLN A 447 21.89 -1.03 21.31
CA GLN A 447 20.54 -1.53 21.03
C GLN A 447 19.95 -1.10 19.69
N LEU A 448 20.45 -0.01 19.12
CA LEU A 448 20.16 0.27 17.72
C LEU A 448 20.77 -0.81 16.81
N THR A 449 21.98 -1.28 17.14
CA THR A 449 22.60 -2.40 16.42
C THR A 449 21.82 -3.70 16.66
N ALA A 450 21.28 -3.88 17.86
CA ALA A 450 20.39 -5.00 18.16
C ALA A 450 19.08 -4.95 17.38
N PHE A 451 18.52 -3.74 17.23
CA PHE A 451 17.35 -3.48 16.37
C PHE A 451 17.65 -3.82 14.90
N GLU A 452 18.86 -3.48 14.43
CA GLU A 452 19.35 -3.83 13.09
C GLU A 452 19.36 -5.34 12.80
N VAL A 453 19.74 -6.12 13.81
CA VAL A 453 19.80 -7.58 13.67
C VAL A 453 18.40 -8.17 13.45
N TRP A 454 17.37 -7.53 14.01
CA TRP A 454 15.99 -7.93 13.79
C TRP A 454 15.49 -7.59 12.38
N LEU A 455 15.84 -6.41 11.89
CA LEU A 455 15.48 -5.97 10.53
C LEU A 455 16.19 -6.80 9.44
N ASP A 456 17.47 -7.10 9.65
CA ASP A 456 18.25 -7.87 8.68
C ASP A 456 17.86 -9.36 8.68
N HIS A 457 18.27 -10.08 9.72
CA HIS A 457 18.04 -11.53 9.82
C HIS A 457 16.80 -11.81 10.70
N GLY A 458 15.72 -12.25 10.05
CA GLY A 458 14.42 -12.43 10.69
C GLY A 458 13.52 -11.23 10.43
N SER A 459 13.39 -10.88 9.15
CA SER A 459 12.68 -9.67 8.71
C SER A 459 11.19 -9.95 8.44
N GLU A 460 10.49 -10.45 9.47
CA GLU A 460 9.13 -10.99 9.33
C GLU A 460 8.21 -10.42 10.40
N HIS A 461 6.95 -10.84 10.40
CA HIS A 461 6.03 -10.57 11.52
C HIS A 461 6.21 -11.76 12.49
N LYS A 462 7.36 -11.79 13.16
CA LYS A 462 7.73 -12.86 14.10
C LYS A 462 7.93 -12.25 15.49
N LYS A 463 6.84 -11.70 16.02
CA LYS A 463 6.78 -11.01 17.32
C LYS A 463 7.62 -9.72 17.30
N PRO A 464 7.01 -8.57 17.67
CA PRO A 464 7.63 -7.24 17.54
C PRO A 464 9.10 -7.11 18.02
N PRO A 465 9.86 -6.16 17.43
CA PRO A 465 11.32 -6.08 17.54
C PRO A 465 11.94 -5.73 18.90
N GLU A 466 11.13 -5.34 19.90
CA GLU A 466 11.59 -5.10 21.29
C GLU A 466 12.36 -3.79 21.52
N GLN A 467 13.14 -3.36 20.54
CA GLN A 467 13.93 -2.12 20.64
C GLN A 467 13.12 -0.89 20.21
N LEU A 468 11.94 -1.09 19.60
CA LEU A 468 11.04 0.01 19.19
C LEU A 468 10.92 1.17 20.18
N PRO A 469 10.66 0.89 21.47
CA PRO A 469 10.65 1.98 22.45
C PRO A 469 11.99 2.72 22.61
N ILE A 470 13.11 2.02 22.42
CA ILE A 470 14.45 2.61 22.49
C ILE A 470 14.80 3.35 21.20
N VAL A 471 14.27 2.87 20.07
CA VAL A 471 14.34 3.62 18.81
C VAL A 471 13.57 4.96 18.92
N LEU A 472 12.54 4.98 19.76
CA LEU A 472 11.79 6.21 20.09
C LEU A 472 12.61 7.20 20.95
N GLN A 473 13.18 6.71 22.05
CA GLN A 473 13.92 7.53 23.02
C GLN A 473 15.13 8.25 22.41
N VAL A 474 15.73 7.63 21.41
CA VAL A 474 16.88 8.17 20.70
C VAL A 474 16.52 9.33 19.74
N LEU A 475 15.29 9.36 19.23
CA LEU A 475 14.92 10.20 18.07
C LEU A 475 15.32 11.68 18.04
N LEU A 476 15.54 12.32 19.18
CA LEU A 476 15.96 13.75 19.22
C LEU A 476 17.40 14.00 19.72
N SER A 477 18.14 12.94 20.06
CA SER A 477 19.57 13.09 20.40
C SER A 477 20.39 13.14 19.12
N GLN A 478 21.20 14.19 18.95
CA GLN A 478 22.01 14.40 17.74
C GLN A 478 22.95 13.24 17.37
N CYS A 479 23.59 12.64 18.38
CA CYS A 479 24.60 11.59 18.15
C CYS A 479 24.06 10.27 17.56
N HIS A 480 22.78 9.95 17.78
CA HIS A 480 22.17 8.75 17.16
C HIS A 480 20.85 9.03 16.40
N ARG A 481 20.61 10.31 16.07
CA ARG A 481 19.35 10.75 15.45
C ARG A 481 19.13 10.12 14.08
N PHE A 482 20.11 10.32 13.20
CA PHE A 482 19.97 9.97 11.79
C PHE A 482 19.73 8.48 11.56
N ARG A 483 20.59 7.62 12.12
CA ARG A 483 20.47 6.17 11.94
C ARG A 483 19.19 5.58 12.56
N ALA A 484 18.75 6.14 13.69
CA ALA A 484 17.50 5.73 14.34
C ALA A 484 16.28 5.96 13.45
N LEU A 485 16.25 7.12 12.79
CA LEU A 485 15.23 7.41 11.78
C LEU A 485 15.37 6.51 10.55
N VAL A 486 16.60 6.31 10.07
CA VAL A 486 16.85 5.42 8.93
C VAL A 486 16.36 4.01 9.25
N LEU A 487 16.74 3.48 10.41
CA LEU A 487 16.28 2.16 10.84
C LEU A 487 14.77 2.12 11.07
N LEU A 488 14.19 3.21 11.58
CA LEU A 488 12.74 3.31 11.72
C LEU A 488 12.04 3.25 10.35
N GLY A 489 12.55 3.97 9.37
CA GLY A 489 12.01 3.92 8.00
C GLY A 489 12.11 2.52 7.39
N ARG A 490 13.28 1.92 7.54
CA ARG A 490 13.50 0.51 7.18
C ARG A 490 12.46 -0.40 7.83
N PHE A 491 12.14 -0.14 9.09
CA PHE A 491 11.09 -0.87 9.82
C PHE A 491 9.67 -0.56 9.32
N LEU A 492 9.36 0.71 9.09
CA LEU A 492 8.03 1.10 8.57
C LEU A 492 7.75 0.49 7.19
N ASP A 493 8.82 0.30 6.40
CA ASP A 493 8.75 -0.23 5.02
C ASP A 493 8.09 -1.60 4.89
N MET A 494 8.45 -2.52 5.78
CA MET A 494 8.02 -3.92 5.66
C MET A 494 6.50 -4.20 5.78
N GLY A 495 5.72 -3.21 6.23
CA GLY A 495 4.27 -3.27 6.08
C GLY A 495 3.47 -2.26 6.88
N SER A 496 2.15 -2.34 6.76
CA SER A 496 1.23 -1.52 7.54
C SER A 496 1.27 -1.87 9.02
N TRP A 497 1.29 -3.17 9.31
CA TRP A 497 1.48 -3.72 10.66
C TRP A 497 2.62 -3.06 11.45
N ALA A 498 3.71 -2.75 10.77
CA ALA A 498 4.88 -2.10 11.36
C ALA A 498 4.61 -0.64 11.66
N VAL A 499 3.93 0.04 10.75
CA VAL A 499 3.54 1.44 10.91
C VAL A 499 2.58 1.58 12.11
N ASP A 500 1.68 0.61 12.27
CA ASP A 500 0.72 0.61 13.37
C ASP A 500 1.39 0.46 14.73
N LEU A 501 2.43 -0.37 14.79
CA LEU A 501 3.25 -0.55 16.01
C LEU A 501 4.04 0.71 16.34
N ALA A 502 4.68 1.27 15.31
CA ALA A 502 5.44 2.51 15.44
C ALA A 502 4.58 3.63 16.05
N LEU A 503 3.46 3.92 15.40
CA LEU A 503 2.48 4.91 15.88
C LEU A 503 1.92 4.56 17.27
N SER A 504 1.69 3.26 17.50
CA SER A 504 1.22 2.76 18.80
C SER A 504 2.17 3.04 19.97
N VAL A 505 3.48 2.87 19.74
CA VAL A 505 4.48 3.14 20.78
C VAL A 505 4.44 4.62 21.16
N GLY A 506 4.84 5.48 20.24
CA GLY A 506 4.65 6.93 20.41
C GLY A 506 5.46 7.79 19.47
N ILE A 507 5.53 7.36 18.20
CA ILE A 507 6.44 7.95 17.22
C ILE A 507 5.92 9.27 16.66
N PHE A 508 4.59 9.42 16.62
CA PHE A 508 3.95 10.53 15.91
C PHE A 508 4.44 11.94 16.30
N PRO A 509 4.40 12.30 17.59
CA PRO A 509 4.79 13.67 17.96
C PRO A 509 6.27 14.01 17.72
N TYR A 510 7.14 13.00 17.84
CA TYR A 510 8.58 13.20 17.59
C TYR A 510 8.85 13.40 16.10
N VAL A 511 8.32 12.47 15.31
CA VAL A 511 8.33 12.56 13.85
C VAL A 511 7.71 13.88 13.35
N LEU A 512 6.68 14.37 14.04
CA LEU A 512 6.09 15.68 13.73
C LEU A 512 7.02 16.84 14.15
N LYS A 513 7.66 16.72 15.31
CA LYS A 513 8.65 17.72 15.78
C LYS A 513 9.83 17.88 14.81
N LEU A 514 10.33 16.77 14.28
CA LEU A 514 11.45 16.76 13.33
C LEU A 514 11.20 17.45 11.98
N LEU A 515 9.94 17.79 11.68
CA LEU A 515 9.62 18.63 10.51
C LEU A 515 10.09 20.09 10.62
N GLN A 516 10.61 20.49 11.78
CA GLN A 516 11.13 21.83 11.99
C GLN A 516 12.66 21.96 11.87
N THR A 517 13.35 20.86 11.55
CA THR A 517 14.81 20.84 11.52
C THR A 517 15.32 21.51 10.26
N THR A 518 16.26 22.43 10.41
CA THR A 518 16.97 23.02 9.27
C THR A 518 17.98 22.01 8.68
N THR A 519 18.56 21.18 9.54
CA THR A 519 19.41 20.04 9.16
C THR A 519 18.92 19.32 7.90
N ASN A 520 19.56 19.63 6.78
CA ASN A 520 19.21 19.02 5.49
C ASN A 520 19.59 17.53 5.39
N GLU A 521 20.46 17.06 6.28
CA GLU A 521 20.80 15.63 6.34
C GLU A 521 19.61 14.74 6.73
N LEU A 522 18.72 15.27 7.58
CA LEU A 522 17.56 14.52 8.07
C LEU A 522 16.33 14.58 7.14
N ARG A 523 16.39 15.39 6.10
CA ARG A 523 15.17 15.83 5.45
C ARG A 523 14.56 14.83 4.45
N GLN A 524 15.39 14.08 3.74
CA GLN A 524 14.90 13.06 2.80
C GLN A 524 14.28 11.84 3.49
N ILE A 525 14.90 11.38 4.60
CA ILE A 525 14.41 10.21 5.35
C ILE A 525 13.07 10.50 6.07
N LEU A 526 12.91 11.71 6.59
CA LEU A 526 11.61 12.15 7.14
C LEU A 526 10.45 12.02 6.14
N VAL A 527 10.73 12.33 4.86
CA VAL A 527 9.71 12.19 3.81
C VAL A 527 9.30 10.73 3.62
N PHE A 528 10.28 9.83 3.65
CA PHE A 528 9.99 8.40 3.60
C PHE A 528 9.11 7.95 4.75
N ILE A 529 9.42 8.43 5.95
CA ILE A 529 8.66 8.11 7.16
C ILE A 529 7.21 8.60 7.04
N TRP A 530 7.05 9.86 6.68
CA TRP A 530 5.72 10.44 6.48
C TRP A 530 4.95 9.84 5.29
N THR A 531 5.67 9.38 4.26
CA THR A 531 5.05 8.67 3.16
C THR A 531 4.42 7.36 3.65
N LYS A 532 5.15 6.61 4.45
CA LYS A 532 4.68 5.31 4.96
C LYS A 532 3.56 5.46 6.00
N ILE A 533 3.64 6.51 6.82
CA ILE A 533 2.58 6.84 7.80
C ILE A 533 1.27 7.25 7.13
N LEU A 534 1.33 8.29 6.30
CA LEU A 534 0.14 8.80 5.61
C LEU A 534 -0.50 7.76 4.68
N ALA A 535 0.31 6.88 4.09
CA ALA A 535 -0.20 5.76 3.28
C ALA A 535 -0.96 4.72 4.11
N LEU A 536 -0.75 4.72 5.43
CA LEU A 536 -1.58 3.96 6.36
C LEU A 536 -2.75 4.81 6.82
N ASP A 537 -2.46 5.89 7.56
CA ASP A 537 -3.50 6.68 8.23
C ASP A 537 -3.64 8.05 7.57
N LYS A 538 -4.73 8.23 6.82
CA LYS A 538 -5.02 9.50 6.15
C LYS A 538 -5.32 10.60 7.17
N SER A 539 -5.97 10.24 8.28
CA SER A 539 -6.41 11.23 9.28
C SER A 539 -5.30 12.17 9.79
N CYS A 540 -4.03 11.75 9.67
CA CYS A 540 -2.87 12.60 9.98
C CYS A 540 -2.82 13.94 9.20
N GLN A 541 -3.58 14.03 8.11
CA GLN A 541 -4.02 15.32 7.54
C GLN A 541 -4.13 16.43 8.57
N ILE A 542 -4.95 16.16 9.59
CA ILE A 542 -5.43 17.16 10.53
C ILE A 542 -4.28 17.63 11.39
N ASP A 543 -3.50 16.69 11.89
CA ASP A 543 -2.38 16.99 12.78
C ASP A 543 -1.32 17.78 12.06
N LEU A 544 -0.98 17.34 10.85
CA LEU A 544 0.05 17.99 10.04
C LEU A 544 -0.24 19.46 9.78
N VAL A 545 -1.48 19.76 9.43
CA VAL A 545 -1.87 21.13 9.10
C VAL A 545 -1.92 22.01 10.35
N LYS A 546 -2.53 21.50 11.43
CA LYS A 546 -2.60 22.22 12.72
C LYS A 546 -1.25 22.67 13.27
N ASP A 547 -0.20 21.90 13.02
CA ASP A 547 1.16 22.21 13.46
C ASP A 547 2.11 22.66 12.31
N GLY A 548 1.53 23.18 11.23
CA GLY A 548 2.31 23.75 10.11
C GLY A 548 3.27 22.84 9.36
N GLY A 549 3.04 21.53 9.45
CA GLY A 549 3.89 20.54 8.79
C GLY A 549 3.72 20.51 7.28
N HIS A 550 2.57 20.98 6.80
CA HIS A 550 2.30 21.10 5.36
C HIS A 550 3.34 21.94 4.60
N THR A 551 3.91 22.95 5.27
CA THR A 551 4.96 23.80 4.68
C THR A 551 6.21 23.00 4.32
N TYR A 552 6.61 22.09 5.20
CA TYR A 552 7.83 21.29 5.05
C TYR A 552 7.95 20.57 3.71
N PHE A 553 6.82 20.02 3.24
CA PHE A 553 6.78 19.23 2.01
C PHE A 553 6.70 20.09 0.75
N ILE A 554 6.11 21.28 0.86
CA ILE A 554 6.10 22.26 -0.22
C ILE A 554 7.52 22.80 -0.45
N ARG A 555 8.24 23.10 0.64
CA ARG A 555 9.65 23.50 0.55
C ARG A 555 10.53 22.40 -0.05
N PHE A 556 10.22 21.15 0.28
CA PHE A 556 10.94 19.99 -0.27
C PHE A 556 10.79 19.87 -1.79
N LEU A 557 9.59 20.14 -2.32
CA LEU A 557 9.38 20.10 -3.78
C LEU A 557 10.25 21.13 -4.54
N ASP A 558 10.39 22.33 -3.97
CA ASP A 558 11.33 23.34 -4.49
C ASP A 558 12.79 22.91 -4.36
N SER A 559 13.08 22.05 -3.38
CA SER A 559 14.31 21.24 -3.31
C SER A 559 15.64 21.94 -3.65
N SER A 560 16.34 22.38 -2.61
CA SER A 560 17.79 22.64 -2.73
C SER A 560 18.49 21.33 -3.12
N GLY A 561 17.98 20.20 -2.59
CA GLY A 561 18.43 18.88 -2.98
C GLY A 561 17.92 18.43 -4.34
N ALA A 562 17.84 17.12 -4.53
CA ALA A 562 17.58 16.52 -5.83
C ALA A 562 16.81 15.19 -5.68
N PHE A 563 16.84 14.35 -6.72
CA PHE A 563 16.26 13.00 -6.73
C PHE A 563 14.73 13.11 -6.89
N PRO A 564 14.22 12.91 -8.14
CA PRO A 564 12.77 13.05 -8.36
C PRO A 564 11.89 11.94 -7.77
N GLU A 565 12.49 10.84 -7.33
CA GLU A 565 11.75 9.78 -6.60
C GLU A 565 11.45 10.20 -5.16
N GLN A 566 12.27 11.09 -4.61
CA GLN A 566 12.02 11.70 -3.31
C GLN A 566 10.90 12.75 -3.43
N ARG A 567 10.92 13.51 -4.51
CA ARG A 567 9.92 14.57 -4.75
C ARG A 567 8.51 14.02 -5.00
N ALA A 568 8.41 12.86 -5.64
CA ALA A 568 7.12 12.21 -5.84
C ALA A 568 6.49 11.87 -4.49
N MET A 569 7.28 11.30 -3.59
CA MET A 569 6.86 11.02 -2.20
C MET A 569 6.35 12.28 -1.48
N ALA A 570 7.02 13.40 -1.70
CA ALA A 570 6.58 14.68 -1.11
C ALA A 570 5.29 15.20 -1.75
N ALA A 571 5.09 14.95 -3.04
CA ALA A 571 3.83 15.28 -3.72
C ALA A 571 2.68 14.35 -3.30
N PHE A 572 2.99 13.08 -3.00
CA PHE A 572 2.00 12.14 -2.46
C PHE A 572 1.50 12.62 -1.11
N VAL A 573 2.44 12.89 -0.20
CA VAL A 573 2.13 13.42 1.12
C VAL A 573 1.23 14.66 1.03
N LEU A 574 1.58 15.59 0.14
CA LEU A 574 0.79 16.80 -0.06
C LEU A 574 -0.61 16.52 -0.63
N ALA A 575 -0.71 15.54 -1.52
CA ALA A 575 -2.00 15.11 -2.03
C ALA A 575 -2.87 14.59 -0.90
N VAL A 576 -2.28 13.79 -0.02
CA VAL A 576 -2.98 13.24 1.15
C VAL A 576 -3.34 14.32 2.17
N ILE A 577 -2.43 15.26 2.45
CA ILE A 577 -2.72 16.41 3.35
C ILE A 577 -3.99 17.16 2.92
N VAL A 578 -4.19 17.27 1.61
CA VAL A 578 -5.25 18.06 1.01
C VAL A 578 -6.56 17.26 0.78
N ASP A 579 -6.44 15.95 0.59
CA ASP A 579 -7.53 15.05 0.17
C ASP A 579 -8.83 15.16 1.00
N GLY A 580 -9.77 15.96 0.52
CA GLY A 580 -11.07 16.14 1.19
C GLY A 580 -10.91 16.85 2.52
N HIS A 581 -10.10 17.90 2.54
CA HIS A 581 -9.64 18.55 3.76
C HIS A 581 -9.49 20.04 3.50
N ARG A 582 -10.59 20.79 3.57
CA ARG A 582 -10.58 22.20 3.11
C ARG A 582 -9.65 23.13 3.88
N ARG A 583 -9.44 22.86 5.16
CA ARG A 583 -8.48 23.65 5.95
C ARG A 583 -7.04 23.36 5.48
N GLY A 584 -6.80 22.14 4.96
CA GLY A 584 -5.52 21.77 4.35
C GLY A 584 -5.36 22.18 2.89
N GLN A 585 -6.48 22.19 2.15
CA GLN A 585 -6.54 22.80 0.82
C GLN A 585 -6.19 24.29 0.92
N GLU A 586 -6.89 24.99 1.81
CA GLU A 586 -6.62 26.41 2.10
C GLU A 586 -5.20 26.71 2.56
N ALA A 587 -4.63 25.82 3.38
CA ALA A 587 -3.28 25.97 3.90
C ALA A 587 -2.22 25.83 2.81
N CYS A 588 -2.39 24.81 1.98
CA CYS A 588 -1.48 24.57 0.86
C CYS A 588 -1.59 25.62 -0.24
N LEU A 589 -2.79 26.19 -0.40
CA LEU A 589 -3.03 27.21 -1.44
C LEU A 589 -2.28 28.51 -1.13
N GLU A 590 -2.40 28.96 0.12
CA GLU A 590 -1.68 30.16 0.60
C GLU A 590 -0.14 30.04 0.50
N ALA A 591 0.37 28.80 0.48
CA ALA A 591 1.80 28.54 0.28
C ALA A 591 2.17 28.24 -1.20
N ASN A 592 1.39 28.78 -2.14
CA ASN A 592 1.63 28.62 -3.58
C ASN A 592 2.01 27.21 -4.04
N LEU A 593 1.25 26.22 -3.59
CA LEU A 593 1.47 24.82 -4.03
C LEU A 593 1.16 24.63 -5.51
N ILE A 594 0.26 25.46 -6.04
CA ILE A 594 -0.03 25.44 -7.48
C ILE A 594 1.21 25.87 -8.25
N GLY A 595 1.83 26.97 -7.81
CA GLY A 595 3.07 27.46 -8.42
C GLY A 595 4.22 26.46 -8.40
N VAL A 596 4.42 25.81 -7.26
CA VAL A 596 5.49 24.82 -7.09
C VAL A 596 5.25 23.61 -7.99
N CYS A 597 4.03 23.07 -7.94
CA CYS A 597 3.65 21.91 -8.77
C CYS A 597 3.73 22.19 -10.27
N LEU A 598 3.15 23.31 -10.69
CA LEU A 598 3.17 23.71 -12.10
C LEU A 598 4.58 24.04 -12.58
N GLY A 599 5.42 24.52 -11.66
CA GLY A 599 6.84 24.75 -11.94
C GLY A 599 7.53 23.54 -12.54
N HIS A 600 7.31 22.37 -11.94
CA HIS A 600 7.92 21.12 -12.42
C HIS A 600 7.29 20.57 -13.71
N LEU A 601 6.11 21.06 -14.09
CA LEU A 601 5.49 20.74 -15.38
C LEU A 601 5.90 21.74 -16.47
N GLU A 602 7.22 21.89 -16.65
CA GLU A 602 7.79 22.76 -17.69
C GLU A 602 9.21 22.34 -18.02
N GLU A 612 10.22 12.63 -14.53
CA GLU A 612 10.03 11.18 -14.60
C GLU A 612 8.61 10.77 -14.21
N PRO A 613 8.10 9.63 -14.76
CA PRO A 613 6.67 9.28 -14.71
C PRO A 613 5.96 9.39 -13.36
N LEU A 614 6.52 8.75 -12.33
CA LEU A 614 5.96 8.75 -10.99
C LEU A 614 5.81 10.16 -10.43
N PHE A 615 6.81 11.01 -10.70
CA PHE A 615 6.80 12.40 -10.21
C PHE A 615 5.72 13.22 -10.90
N LEU A 616 5.70 13.15 -12.23
CA LEU A 616 4.65 13.78 -13.04
C LEU A 616 3.26 13.33 -12.61
N GLN A 617 3.08 12.02 -12.49
CA GLN A 617 1.82 11.42 -12.02
C GLN A 617 1.34 12.10 -10.75
N TRP A 618 2.20 12.17 -9.75
CA TRP A 618 1.84 12.76 -8.46
C TRP A 618 1.81 14.29 -8.42
N LEU A 619 2.46 14.95 -9.38
CA LEU A 619 2.25 16.39 -9.56
C LEU A 619 0.80 16.65 -10.02
N CYS A 620 0.30 15.80 -10.92
CA CYS A 620 -1.08 15.92 -11.40
C CYS A 620 -2.12 15.53 -10.34
N LEU A 621 -1.86 14.44 -9.62
CA LEU A 621 -2.74 14.00 -8.54
C LEU A 621 -2.80 15.02 -7.38
N CYS A 622 -1.66 15.63 -7.07
CA CYS A 622 -1.57 16.67 -6.02
C CYS A 622 -2.37 17.91 -6.40
N LEU A 623 -2.16 18.39 -7.62
CA LEU A 623 -2.95 19.50 -8.18
C LEU A 623 -4.45 19.20 -8.15
N GLY A 624 -4.83 18.00 -8.59
CA GLY A 624 -6.23 17.59 -8.67
C GLY A 624 -6.97 17.65 -7.34
N LYS A 625 -6.34 17.11 -6.31
CA LYS A 625 -6.87 17.13 -4.94
C LYS A 625 -7.03 18.54 -4.35
N LEU A 626 -6.18 19.45 -4.78
CA LEU A 626 -6.22 20.85 -4.38
C LEU A 626 -7.38 21.61 -5.05
N TRP A 627 -7.50 21.53 -6.38
CA TRP A 627 -8.67 22.08 -7.11
C TRP A 627 -9.98 21.53 -6.55
N GLU A 628 -10.00 20.20 -6.38
CA GLU A 628 -11.23 19.38 -6.32
C GLU A 628 -12.33 20.01 -5.51
N ASP A 629 -13.36 20.49 -6.20
CA ASP A 629 -14.54 21.09 -5.58
C ASP A 629 -14.15 22.24 -4.63
N PHE A 630 -13.34 23.16 -5.15
CA PHE A 630 -12.83 24.30 -4.37
C PHE A 630 -12.58 25.51 -5.27
N MET A 631 -13.61 26.37 -5.39
CA MET A 631 -13.66 27.46 -6.37
C MET A 631 -12.42 28.36 -6.37
N GLU A 632 -11.90 28.65 -5.18
CA GLU A 632 -10.75 29.56 -5.07
C GLU A 632 -9.49 28.99 -5.70
N ALA A 633 -9.24 27.69 -5.52
CA ALA A 633 -8.06 27.05 -6.13
C ALA A 633 -8.22 26.84 -7.64
N GLN A 634 -9.43 26.53 -8.08
CA GLN A 634 -9.75 26.38 -9.49
C GLN A 634 -9.53 27.69 -10.24
N ILE A 635 -10.05 28.77 -9.67
CA ILE A 635 -9.84 30.13 -10.20
C ILE A 635 -8.35 30.46 -10.32
N MET A 636 -7.56 30.09 -9.31
CA MET A 636 -6.11 30.26 -9.36
C MET A 636 -5.47 29.39 -10.45
N GLY A 637 -5.92 28.14 -10.58
CA GLY A 637 -5.44 27.25 -11.64
C GLY A 637 -5.71 27.75 -13.05
N ARG A 638 -6.94 28.19 -13.30
CA ARG A 638 -7.31 28.84 -14.57
C ARG A 638 -6.33 29.95 -14.93
N GLU A 639 -6.21 30.95 -14.06
CA GLU A 639 -5.36 32.13 -14.32
C GLU A 639 -3.87 31.93 -14.01
N ALA A 640 -3.52 30.76 -13.49
CA ALA A 640 -2.14 30.27 -13.51
C ALA A 640 -1.83 29.48 -14.79
N ASN A 641 -2.83 29.35 -15.67
CA ASN A 641 -2.76 28.51 -16.86
C ASN A 641 -2.40 27.07 -16.47
N ALA A 642 -3.33 26.45 -15.77
CA ALA A 642 -3.20 25.05 -15.33
C ALA A 642 -3.38 24.09 -16.50
N PHE A 643 -4.45 24.31 -17.27
CA PHE A 643 -4.74 23.53 -18.47
C PHE A 643 -3.53 23.43 -19.42
N GLU A 644 -2.89 24.56 -19.67
CA GLU A 644 -1.85 24.64 -20.71
C GLU A 644 -0.57 23.87 -20.39
N LYS A 645 -0.30 23.66 -19.11
CA LYS A 645 0.84 22.87 -18.66
C LYS A 645 0.50 21.39 -18.44
N LEU A 646 -0.73 21.10 -18.00
CA LEU A 646 -1.20 19.72 -17.85
C LEU A 646 -1.47 19.01 -19.18
N ALA A 647 -2.01 19.73 -20.16
CA ALA A 647 -2.43 19.18 -21.46
C ALA A 647 -1.41 18.27 -22.18
N PRO A 648 -0.13 18.70 -22.29
CA PRO A 648 0.88 17.80 -22.91
C PRO A 648 1.09 16.44 -22.24
N LEU A 649 0.76 16.34 -20.95
CA LEU A 649 0.85 15.05 -20.24
C LEU A 649 -0.29 14.08 -20.58
N LEU A 650 -1.25 14.53 -21.38
CA LEU A 650 -2.23 13.63 -21.97
C LEU A 650 -1.64 12.77 -23.09
N SER A 651 -0.47 13.14 -23.64
CA SER A 651 0.16 12.38 -24.72
C SER A 651 1.40 11.58 -24.27
N GLU A 652 1.71 11.62 -22.98
CA GLU A 652 2.84 10.86 -22.42
C GLU A 652 2.63 9.34 -22.56
N PRO A 653 3.73 8.58 -22.73
CA PRO A 653 3.59 7.15 -23.03
C PRO A 653 3.05 6.29 -21.87
N GLN A 654 3.15 6.79 -20.64
CA GLN A 654 2.65 6.09 -19.45
C GLN A 654 1.16 6.40 -19.22
N PRO A 655 0.28 5.37 -19.25
CA PRO A 655 -1.14 5.60 -18.93
C PRO A 655 -1.38 6.27 -17.57
N GLU A 656 -0.59 5.88 -16.58
CA GLU A 656 -0.67 6.39 -15.21
C GLU A 656 -0.53 7.91 -15.18
N VAL A 657 0.38 8.42 -16.00
CA VAL A 657 0.56 9.87 -16.17
C VAL A 657 -0.64 10.49 -16.88
N ARG A 658 -1.05 9.86 -17.99
CA ARG A 658 -2.21 10.30 -18.76
C ARG A 658 -3.49 10.33 -17.91
N ALA A 659 -3.73 9.25 -17.16
CA ALA A 659 -4.90 9.13 -16.29
C ALA A 659 -4.94 10.17 -15.19
N ALA A 660 -3.81 10.36 -14.51
CA ALA A 660 -3.69 11.40 -13.46
C ALA A 660 -3.87 12.82 -14.01
N ALA A 661 -3.39 13.06 -15.24
CA ALA A 661 -3.52 14.36 -15.88
C ALA A 661 -4.99 14.66 -16.18
N VAL A 662 -5.71 13.67 -16.69
CA VAL A 662 -7.16 13.78 -16.90
C VAL A 662 -7.86 14.15 -15.60
N PHE A 663 -7.53 13.44 -14.51
CA PHE A 663 -8.10 13.70 -13.20
C PHE A 663 -7.97 15.17 -12.82
N ALA A 664 -6.74 15.68 -12.96
CA ALA A 664 -6.43 17.09 -12.67
C ALA A 664 -7.31 18.06 -13.49
N LEU A 665 -7.29 17.91 -14.81
CA LEU A 665 -8.18 18.68 -15.69
C LEU A 665 -9.66 18.50 -15.29
N GLY A 666 -10.06 17.28 -14.92
CA GLY A 666 -11.42 16.99 -14.49
C GLY A 666 -11.90 17.74 -13.26
N THR A 667 -11.02 17.87 -12.27
CA THR A 667 -11.36 18.56 -11.03
C THR A 667 -11.27 20.11 -11.11
N LEU A 668 -10.74 20.66 -12.22
CA LEU A 668 -10.80 22.11 -12.46
C LEU A 668 -12.21 22.62 -12.78
N LEU A 669 -13.08 21.73 -13.28
CA LEU A 669 -14.40 22.13 -13.78
C LEU A 669 -15.43 22.49 -12.68
N ASP A 670 -16.60 22.96 -13.12
CA ASP A 670 -17.78 23.21 -12.28
C ASP A 670 -17.56 24.48 -11.47
N GLU A 683 -26.52 30.64 -22.87
CA GLU A 683 -26.52 31.35 -24.13
C GLU A 683 -25.06 31.70 -24.55
N PHE A 684 -24.84 32.84 -25.19
CA PHE A 684 -23.49 33.29 -25.56
C PHE A 684 -22.95 34.16 -24.44
N ASP A 685 -21.90 33.68 -23.78
CA ASP A 685 -21.24 34.40 -22.70
C ASP A 685 -19.75 34.04 -22.73
N ASP A 686 -18.90 35.01 -22.40
CA ASP A 686 -17.46 34.81 -22.26
C ASP A 686 -16.98 35.39 -20.93
N ASP A 687 -16.70 34.50 -19.98
CA ASP A 687 -16.01 34.88 -18.75
C ASP A 687 -14.89 33.88 -18.52
N GLU A 688 -13.68 34.38 -18.30
CA GLU A 688 -12.46 33.56 -18.07
C GLU A 688 -12.68 32.04 -18.02
N LYS A 689 -13.50 31.59 -17.07
CA LYS A 689 -13.74 30.15 -16.85
C LYS A 689 -14.36 29.41 -18.03
N ILE A 690 -15.19 30.08 -18.82
CA ILE A 690 -15.78 29.46 -20.03
C ILE A 690 -14.70 29.06 -21.03
N ARG A 691 -13.74 29.94 -21.24
CA ARG A 691 -12.61 29.67 -22.13
C ARG A 691 -11.71 28.56 -21.59
N ALA A 692 -11.56 28.51 -20.27
CA ALA A 692 -10.87 27.42 -19.58
C ALA A 692 -11.68 26.12 -19.62
N GLU A 693 -12.97 26.20 -19.25
CA GLU A 693 -13.86 25.03 -19.22
C GLU A 693 -14.24 24.50 -20.61
N ASP A 694 -14.03 25.29 -21.66
CA ASP A 694 -14.13 24.78 -23.05
C ASP A 694 -12.81 24.17 -23.53
N ALA A 695 -11.70 24.86 -23.30
CA ALA A 695 -10.37 24.33 -23.67
C ALA A 695 -10.07 22.98 -23.01
N ILE A 696 -10.48 22.84 -21.75
CA ILE A 696 -10.37 21.58 -20.99
C ILE A 696 -11.15 20.46 -21.66
N ILE A 697 -12.45 20.66 -21.85
CA ILE A 697 -13.32 19.59 -22.36
C ILE A 697 -12.96 19.19 -23.81
N LYS A 698 -12.46 20.15 -24.60
CA LYS A 698 -11.93 19.83 -25.93
C LYS A 698 -10.72 18.91 -25.83
N SER A 699 -9.75 19.27 -25.00
CA SER A 699 -8.56 18.44 -24.80
C SER A 699 -8.89 17.08 -24.18
N LEU A 700 -9.92 17.02 -23.34
CA LEU A 700 -10.41 15.75 -22.77
C LEU A 700 -11.02 14.84 -23.82
N LEU A 701 -11.77 15.43 -24.76
CA LEU A 701 -12.41 14.65 -25.84
C LEU A 701 -11.42 13.98 -26.79
N ASP A 702 -10.24 14.58 -26.95
CA ASP A 702 -9.12 13.94 -27.67
C ASP A 702 -8.70 12.60 -27.03
N VAL A 703 -8.82 12.53 -25.71
CA VAL A 703 -8.38 11.37 -24.92
C VAL A 703 -9.53 10.34 -24.70
N VAL A 704 -10.75 10.67 -25.11
CA VAL A 704 -11.88 9.72 -25.04
C VAL A 704 -11.53 8.36 -25.70
N SER A 705 -10.82 8.41 -26.82
CA SER A 705 -10.43 7.19 -27.56
C SER A 705 -9.01 6.66 -27.22
N ASP A 706 -8.53 6.94 -26.00
CA ASP A 706 -7.23 6.46 -25.52
C ASP A 706 -7.24 4.95 -25.33
N GLY A 707 -6.11 4.31 -25.59
CA GLY A 707 -6.01 2.85 -25.61
C GLY A 707 -6.09 2.11 -24.28
N SER A 708 -5.86 2.79 -23.16
CA SER A 708 -5.92 2.14 -21.84
C SER A 708 -7.24 2.47 -21.10
N PRO A 709 -7.89 1.45 -20.49
CA PRO A 709 -9.09 1.73 -19.70
C PRO A 709 -8.83 2.63 -18.49
N LEU A 710 -7.63 2.56 -17.92
CA LEU A 710 -7.18 3.45 -16.84
C LEU A 710 -7.47 4.92 -17.16
N VAL A 711 -7.13 5.32 -18.38
CA VAL A 711 -7.37 6.70 -18.85
C VAL A 711 -8.84 6.95 -19.14
N ARG A 712 -9.48 6.03 -19.87
CA ARG A 712 -10.88 6.20 -20.30
C ARG A 712 -11.91 6.25 -19.16
N ALA A 713 -11.66 5.49 -18.09
CA ALA A 713 -12.47 5.57 -16.88
C ALA A 713 -12.42 6.98 -16.30
N GLU A 714 -11.21 7.56 -16.29
CA GLU A 714 -11.00 8.93 -15.82
C GLU A 714 -11.54 10.00 -16.74
N VAL A 715 -11.50 9.79 -18.05
CA VAL A 715 -12.13 10.73 -18.98
C VAL A 715 -13.64 10.71 -18.80
N ALA A 716 -14.22 9.54 -18.56
CA ALA A 716 -15.65 9.43 -18.25
C ALA A 716 -16.06 10.34 -17.09
N VAL A 717 -15.27 10.28 -16.01
CA VAL A 717 -15.55 11.03 -14.79
C VAL A 717 -15.44 12.54 -15.01
N ALA A 718 -14.46 12.97 -15.79
CA ALA A 718 -14.35 14.39 -16.17
C ALA A 718 -15.53 14.83 -17.04
N LEU A 719 -16.01 13.92 -17.90
CA LEU A 719 -17.22 14.16 -18.70
C LEU A 719 -18.48 14.23 -17.85
N ALA A 720 -18.57 13.33 -16.86
CA ALA A 720 -19.69 13.33 -15.91
C ALA A 720 -19.79 14.62 -15.12
N ARG A 721 -18.64 15.17 -14.73
CA ARG A 721 -18.59 16.48 -14.08
C ARG A 721 -19.04 17.58 -15.04
N PHE A 722 -18.43 17.65 -16.21
CA PHE A 722 -18.81 18.63 -17.24
C PHE A 722 -20.31 18.56 -17.59
N ALA A 723 -20.84 17.35 -17.69
CA ALA A 723 -22.25 17.10 -18.01
C ALA A 723 -23.19 17.69 -16.97
N PHE A 724 -22.85 17.48 -15.70
CA PHE A 724 -23.59 18.04 -14.56
C PHE A 724 -23.67 19.57 -14.61
N GLY A 725 -22.55 20.20 -14.95
CA GLY A 725 -22.46 21.66 -15.10
C GLY A 725 -23.03 22.24 -16.38
N HIS A 726 -23.25 21.40 -17.39
CA HIS A 726 -23.85 21.82 -18.67
C HIS A 726 -24.99 20.86 -19.12
N LYS A 727 -25.85 20.49 -18.18
CA LYS A 727 -27.02 19.61 -18.44
C LYS A 727 -27.96 20.21 -19.47
N GLN A 728 -28.38 21.46 -19.18
CA GLN A 728 -29.40 22.15 -19.97
C GLN A 728 -29.06 22.27 -21.46
N HIS A 729 -27.77 22.49 -21.77
CA HIS A 729 -27.30 22.52 -23.16
C HIS A 729 -27.26 21.14 -23.81
N LEU A 730 -26.64 20.18 -23.12
CA LEU A 730 -26.45 18.83 -23.64
C LEU A 730 -27.75 18.03 -23.85
N LYS A 731 -28.78 18.33 -23.07
CA LYS A 731 -30.12 17.76 -23.28
C LYS A 731 -30.68 18.18 -24.64
N LEU A 732 -30.55 19.46 -24.97
CA LEU A 732 -31.03 20.01 -26.25
C LEU A 732 -30.16 19.56 -27.42
N ALA A 733 -28.85 19.42 -27.16
CA ALA A 733 -27.92 18.90 -28.16
C ALA A 733 -28.12 17.40 -28.45
N ALA A 734 -28.42 16.62 -27.41
CA ALA A 734 -28.65 15.18 -27.53
C ALA A 734 -29.97 14.83 -28.22
N ALA A 735 -30.94 15.74 -28.19
CA ALA A 735 -32.22 15.55 -28.89
C ALA A 735 -32.00 15.52 -30.41
N SER A 736 -31.34 16.55 -30.92
CA SER A 736 -30.98 16.65 -32.35
C SER A 736 -30.09 15.50 -32.82
N TYR A 737 -29.27 14.98 -31.92
CA TYR A 737 -28.45 13.79 -32.17
C TYR A 737 -29.33 12.54 -32.34
N TRP A 738 -30.31 12.39 -31.46
CA TRP A 738 -31.28 11.28 -31.53
C TRP A 738 -32.32 11.55 -32.63
N ALA A 834 -21.52 22.63 -31.33
CA ALA A 834 -20.19 22.27 -31.84
C ALA A 834 -19.44 21.33 -30.89
N VAL A 835 -19.17 21.82 -29.68
CA VAL A 835 -18.48 21.06 -28.63
C VAL A 835 -19.47 20.14 -27.89
N TYR A 836 -20.72 20.58 -27.77
CA TYR A 836 -21.75 19.85 -27.04
C TYR A 836 -22.23 18.59 -27.79
N SER A 837 -22.32 18.68 -29.12
CA SER A 837 -22.62 17.51 -29.96
C SER A 837 -21.47 16.50 -29.97
N GLN A 838 -20.24 17.01 -29.85
CA GLN A 838 -19.06 16.17 -29.71
C GLN A 838 -19.05 15.46 -28.35
N CYS A 839 -19.47 16.17 -27.30
CA CYS A 839 -19.57 15.58 -25.94
C CYS A 839 -20.59 14.44 -25.84
N VAL A 840 -21.69 14.56 -26.57
CA VAL A 840 -22.74 13.54 -26.57
C VAL A 840 -22.28 12.26 -27.29
N ARG A 841 -21.54 12.40 -28.40
CA ARG A 841 -20.95 11.26 -29.12
C ARG A 841 -20.05 10.42 -28.23
N ALA A 842 -19.20 11.12 -27.47
CA ALA A 842 -18.26 10.49 -26.53
C ALA A 842 -18.96 9.67 -25.46
N MET A 843 -20.09 10.18 -24.97
CA MET A 843 -20.90 9.47 -23.96
C MET A 843 -21.43 8.14 -24.48
N PHE A 844 -22.02 8.16 -25.67
CA PHE A 844 -22.53 6.94 -26.32
C PHE A 844 -21.41 5.98 -26.73
N ALA A 845 -20.24 6.52 -27.06
CA ALA A 845 -19.05 5.71 -27.30
C ALA A 845 -18.55 5.05 -26.01
N LEU A 846 -18.55 5.82 -24.92
CA LEU A 846 -18.15 5.30 -23.60
C LEU A 846 -19.10 4.26 -23.03
N ALA A 847 -20.39 4.34 -23.38
CA ALA A 847 -21.38 3.35 -22.94
C ALA A 847 -21.22 2.02 -23.67
N LYS A 848 -20.73 2.07 -24.91
CA LYS A 848 -20.51 0.88 -25.75
C LYS A 848 -19.05 0.38 -25.68
N ASP A 849 -18.34 0.74 -24.61
CA ASP A 849 -16.91 0.47 -24.50
C ASP A 849 -16.65 -1.01 -24.25
N PRO A 850 -15.52 -1.55 -24.76
CA PRO A 850 -15.21 -2.97 -24.51
C PRO A 850 -15.06 -3.35 -23.04
N SER A 851 -14.26 -2.58 -22.28
CA SER A 851 -14.11 -2.83 -20.84
C SER A 851 -15.44 -2.52 -20.13
N PRO A 852 -16.08 -3.54 -19.50
CA PRO A 852 -17.38 -3.34 -18.83
C PRO A 852 -17.41 -2.24 -17.76
N ARG A 853 -16.28 -2.01 -17.10
CA ARG A 853 -16.18 -0.96 -16.08
C ARG A 853 -16.33 0.44 -16.67
N ILE A 854 -15.69 0.67 -17.82
CA ILE A 854 -15.77 1.96 -18.51
C ILE A 854 -17.16 2.14 -19.13
N ALA A 855 -17.75 1.02 -19.54
CA ALA A 855 -19.10 1.00 -20.12
C ALA A 855 -20.17 1.44 -19.13
N SER A 856 -20.11 0.89 -17.91
CA SER A 856 -21.05 1.27 -16.83
C SER A 856 -20.92 2.74 -16.45
N LEU A 857 -19.69 3.26 -16.53
CA LEU A 857 -19.44 4.69 -16.37
C LEU A 857 -20.12 5.51 -17.45
N GLY A 858 -19.92 5.13 -18.71
CA GLY A 858 -20.55 5.80 -19.85
C GLY A 858 -22.07 5.82 -19.77
N ARG A 859 -22.66 4.71 -19.34
CA ARG A 859 -24.10 4.65 -19.01
C ARG A 859 -24.48 5.72 -18.00
N ARG A 860 -23.71 5.79 -16.91
CA ARG A 860 -23.98 6.73 -15.83
C ARG A 860 -23.87 8.21 -16.26
N VAL A 861 -23.01 8.49 -17.23
CA VAL A 861 -22.88 9.85 -17.80
C VAL A 861 -24.11 10.21 -18.65
N LEU A 862 -24.66 9.21 -19.35
CA LEU A 862 -25.90 9.42 -20.12
C LEU A 862 -27.11 9.70 -19.23
N SER A 863 -27.18 9.06 -18.05
CA SER A 863 -28.29 9.26 -17.10
C SER A 863 -28.26 10.63 -16.40
N ILE A 864 -27.08 11.26 -16.35
CA ILE A 864 -26.94 12.66 -15.91
C ILE A 864 -27.63 13.62 -16.89
N ILE A 865 -27.62 13.27 -18.18
CA ILE A 865 -28.31 14.00 -19.25
C ILE A 865 -29.80 13.60 -19.35
N GLY A 866 -30.19 12.53 -18.65
CA GLY A 866 -31.57 12.03 -18.64
C GLY A 866 -31.84 10.86 -19.55
N ILE A 867 -30.82 10.45 -20.32
CA ILE A 867 -30.90 9.28 -21.22
C ILE A 867 -30.58 8.04 -20.39
N GLU A 868 -31.62 7.32 -19.97
CA GLU A 868 -31.50 6.20 -19.03
C GLU A 868 -31.59 4.87 -19.76
N GLU A 900 -27.40 13.51 -6.45
CA GLU A 900 -26.85 13.39 -7.80
C GLU A 900 -25.31 13.41 -7.86
N ARG A 901 -24.64 13.74 -6.76
CA ARG A 901 -23.19 13.44 -6.61
C ARG A 901 -22.95 11.97 -6.25
N SER A 902 -23.96 11.32 -5.66
CA SER A 902 -24.01 9.84 -5.60
C SER A 902 -24.13 9.28 -7.03
N LEU A 903 -24.93 9.94 -7.85
CA LEU A 903 -25.00 9.66 -9.29
C LEU A 903 -23.78 10.17 -10.09
N LEU A 904 -23.01 11.11 -9.55
CA LEU A 904 -21.68 11.41 -10.12
C LEU A 904 -20.73 10.23 -9.83
N PRO A 905 -20.15 9.64 -10.89
CA PRO A 905 -19.25 8.50 -10.71
C PRO A 905 -17.88 8.90 -10.14
N LEU A 906 -17.41 8.12 -9.16
CA LEU A 906 -16.17 8.41 -8.44
C LEU A 906 -14.93 7.97 -9.23
N SER A 907 -14.00 8.92 -9.40
CA SER A 907 -12.68 8.64 -10.01
C SER A 907 -11.88 7.69 -9.12
N THR A 908 -11.03 6.88 -9.74
CA THR A 908 -10.24 5.87 -9.00
C THR A 908 -8.69 5.97 -9.08
N ILE A 909 -8.16 6.87 -9.89
CA ILE A 909 -6.70 6.97 -10.14
C ILE A 909 -5.88 7.32 -8.90
N TYR A 910 -6.35 8.29 -8.10
CA TYR A 910 -5.67 8.68 -6.85
C TYR A 910 -5.59 7.49 -5.91
N GLY A 911 -6.75 6.90 -5.63
CA GLY A 911 -6.88 5.75 -4.74
C GLY A 911 -5.98 4.59 -5.13
N TRP A 912 -6.06 4.18 -6.40
CA TRP A 912 -5.21 3.12 -6.93
C TRP A 912 -3.73 3.46 -6.83
N SER A 913 -3.37 4.70 -7.18
CA SER A 913 -1.96 5.15 -7.17
C SER A 913 -1.31 5.14 -5.78
N CYS A 914 -2.13 5.35 -4.74
CA CYS A 914 -1.66 5.31 -3.34
C CYS A 914 -1.12 3.95 -2.89
N GLY A 915 -1.55 2.87 -3.54
CA GLY A 915 -1.06 1.52 -3.22
C GLY A 915 0.44 1.32 -3.29
N HIS A 916 1.08 1.99 -4.26
CA HIS A 916 2.53 2.01 -4.42
C HIS A 916 3.27 2.41 -3.13
N PHE A 917 2.74 3.42 -2.44
CA PHE A 917 3.37 3.95 -1.21
C PHE A 917 2.97 3.23 0.07
N SER A 918 1.89 2.44 0.04
CA SER A 918 1.49 1.59 1.18
C SER A 918 2.01 0.17 1.01
N LYS A 919 3.24 0.04 0.50
CA LYS A 919 3.81 -1.24 0.06
C LYS A 919 5.33 -1.09 -0.02
N PRO A 920 6.10 -2.15 0.36
CA PRO A 920 7.56 -2.13 0.33
C PRO A 920 8.20 -1.40 -0.86
N LEU A 921 9.06 -0.41 -0.58
CA LEU A 921 9.82 0.32 -1.60
C LEU A 921 11.30 -0.05 -1.59
N SER A 928 11.24 -14.17 -10.06
CA SER A 928 12.32 -13.60 -10.87
C SER A 928 13.15 -14.69 -11.55
N GLN A 929 13.70 -15.59 -10.75
CA GLN A 929 14.53 -16.70 -11.24
C GLN A 929 13.71 -17.88 -11.76
N GLU A 930 12.52 -18.10 -11.21
CA GLU A 930 11.55 -19.04 -11.76
C GLU A 930 10.89 -18.52 -13.06
N ILE A 931 10.78 -17.19 -13.17
CA ILE A 931 10.25 -16.55 -14.38
C ILE A 931 11.27 -16.70 -15.52
N ALA A 932 12.53 -16.37 -15.24
CA ALA A 932 13.61 -16.47 -16.23
C ALA A 932 13.97 -17.92 -16.61
N ALA A 933 13.75 -18.86 -15.69
CA ALA A 933 13.98 -20.29 -15.95
C ALA A 933 12.95 -20.87 -16.92
N LYS A 934 11.68 -20.55 -16.69
CA LYS A 934 10.58 -20.90 -17.61
C LYS A 934 10.74 -20.28 -19.00
N ARG A 935 11.26 -19.05 -19.02
CA ARG A 935 11.60 -18.33 -20.25
C ARG A 935 12.60 -19.12 -21.08
N GLU A 936 13.67 -19.59 -20.43
CA GLU A 936 14.69 -20.40 -21.07
C GLU A 936 14.13 -21.73 -21.60
N GLU A 937 13.27 -22.37 -20.82
CA GLU A 937 12.70 -23.68 -21.18
C GLU A 937 11.86 -23.63 -22.46
N LYS A 938 10.99 -22.63 -22.57
CA LYS A 938 10.16 -22.44 -23.77
C LYS A 938 10.98 -21.98 -24.98
N GLU A 939 12.00 -21.16 -24.74
CA GLU A 939 12.90 -20.72 -25.80
C GLU A 939 13.74 -21.87 -26.40
N LYS A 940 14.23 -22.77 -25.54
CA LYS A 940 14.94 -23.99 -25.97
C LYS A 940 14.08 -24.79 -26.94
N PHE A 941 12.84 -25.03 -26.52
CA PHE A 941 11.84 -25.72 -27.32
C PHE A 941 11.58 -25.01 -28.64
N ALA A 942 11.48 -23.69 -28.61
CA ALA A 942 11.23 -22.89 -29.81
C ALA A 942 12.35 -23.06 -30.82
N LEU A 943 13.58 -22.77 -30.38
CA LEU A 943 14.77 -22.87 -31.26
C LEU A 943 14.99 -24.27 -31.83
N GLU A 944 14.76 -25.31 -31.02
CA GLU A 944 14.86 -26.70 -31.49
C GLU A 944 13.78 -27.07 -32.52
N HIS A 945 12.55 -26.64 -32.28
CA HIS A 945 11.44 -26.95 -33.19
C HIS A 945 11.38 -26.06 -34.43
N ILE A 946 12.01 -24.90 -34.39
CA ILE A 946 12.20 -24.06 -35.59
C ILE A 946 13.14 -24.75 -36.57
N ALA A 947 14.19 -25.37 -36.03
CA ALA A 947 15.15 -26.13 -36.83
C ALA A 947 14.49 -27.35 -37.50
N LYS A 948 13.78 -28.14 -36.71
CA LYS A 948 13.03 -29.31 -37.20
C LYS A 948 12.04 -28.89 -38.26
N CYS A 949 11.27 -27.85 -37.96
CA CYS A 949 10.36 -27.25 -38.94
C CYS A 949 11.09 -26.93 -40.25
N GLN A 950 12.23 -26.25 -40.14
CA GLN A 950 13.00 -25.82 -41.33
C GLN A 950 13.51 -26.96 -42.22
N HIS A 951 14.00 -28.03 -41.60
CA HIS A 951 14.89 -28.97 -42.29
C HIS A 951 14.39 -30.41 -42.50
N SER A 952 13.56 -30.93 -41.58
CA SER A 952 12.98 -32.27 -41.77
C SER A 952 11.87 -32.18 -42.82
N SER A 953 12.04 -32.91 -43.91
CA SER A 953 11.13 -32.84 -45.06
C SER A 953 9.74 -33.31 -44.65
N ILE A 954 8.72 -32.62 -45.15
CA ILE A 954 7.34 -32.90 -44.80
C ILE A 954 6.75 -33.87 -45.81
N SER A 955 6.24 -34.99 -45.31
CA SER A 955 5.69 -36.06 -46.13
C SER A 955 4.22 -35.75 -46.50
N LYS A 956 3.40 -36.78 -46.74
CA LYS A 956 1.97 -36.61 -47.01
C LYS A 956 1.21 -36.27 -45.72
N LEU A 957 -0.08 -35.97 -45.88
CA LEU A 957 -0.98 -35.72 -44.75
C LEU A 957 -1.59 -37.02 -44.28
N ASN A 958 -1.54 -37.27 -42.98
CA ASN A 958 -2.25 -38.40 -42.38
C ASN A 958 -3.73 -38.04 -42.28
N ASN A 959 -4.54 -38.64 -43.15
CA ASN A 959 -5.97 -38.29 -43.26
C ASN A 959 -6.77 -38.67 -42.00
N ASN A 960 -6.29 -39.67 -41.23
CA ASN A 960 -6.85 -39.96 -39.91
C ASN A 960 -6.44 -38.85 -38.93
N PRO A 961 -7.42 -38.17 -38.29
CA PRO A 961 -7.09 -37.07 -37.37
C PRO A 961 -6.62 -37.53 -35.99
N ILE A 962 -6.44 -36.56 -35.08
CA ILE A 962 -6.27 -36.82 -33.63
C ILE A 962 -7.25 -36.00 -32.75
N ALA A 963 -8.34 -35.51 -33.35
CA ALA A 963 -9.54 -35.10 -32.62
C ALA A 963 -10.72 -35.07 -33.59
N ASN A 964 -11.89 -35.47 -33.11
CA ASN A 964 -13.16 -35.10 -33.73
C ASN A 964 -13.86 -34.32 -32.60
N TRP A 965 -13.18 -33.28 -32.10
CA TRP A 965 -13.65 -32.53 -30.93
C TRP A 965 -14.93 -31.74 -31.19
N ASP A 966 -16.02 -32.15 -30.55
CA ASP A 966 -17.29 -31.46 -30.65
C ASP A 966 -17.26 -30.21 -29.75
N THR A 967 -17.17 -29.04 -30.39
CA THR A 967 -17.22 -27.77 -29.69
C THR A 967 -18.62 -27.45 -29.13
N ARG A 968 -19.65 -28.10 -29.67
CA ARG A 968 -21.07 -27.80 -29.41
C ARG A 968 -21.51 -26.41 -29.91
N PHE A 969 -20.73 -25.78 -30.79
CA PHE A 969 -21.14 -24.54 -31.44
C PHE A 969 -22.25 -24.86 -32.44
N GLU A 970 -23.45 -24.36 -32.16
CA GLU A 970 -24.66 -24.62 -32.94
C GLU A 970 -24.59 -24.14 -34.41
N THR A 971 -23.77 -23.12 -34.66
CA THR A 971 -23.58 -22.57 -36.01
C THR A 971 -22.25 -22.94 -36.67
N GLY A 972 -21.27 -23.38 -35.87
CA GLY A 972 -19.96 -23.82 -36.38
C GLY A 972 -18.82 -22.91 -35.97
N THR A 973 -17.62 -23.49 -35.93
CA THR A 973 -16.40 -22.80 -35.50
C THR A 973 -15.91 -21.84 -36.57
N LYS A 974 -15.87 -20.54 -36.27
CA LYS A 974 -15.44 -19.53 -37.23
C LYS A 974 -13.93 -19.35 -37.25
N THR A 975 -13.28 -19.46 -36.11
CA THR A 975 -11.82 -19.36 -36.08
C THR A 975 -11.23 -20.09 -34.88
N ALA A 976 -9.96 -20.46 -35.00
CA ALA A 976 -9.25 -21.20 -33.94
C ALA A 976 -7.75 -20.94 -33.93
N LEU A 977 -7.11 -21.39 -32.86
CA LEU A 977 -5.71 -21.13 -32.56
C LEU A 977 -5.11 -22.30 -31.77
N LEU A 978 -3.81 -22.52 -31.94
CA LEU A 978 -3.08 -23.56 -31.21
C LEU A 978 -1.98 -22.92 -30.37
N HIS A 979 -1.90 -23.34 -29.11
CA HIS A 979 -0.88 -22.87 -28.20
C HIS A 979 0.46 -23.51 -28.63
N PRO A 980 1.56 -22.72 -28.62
CA PRO A 980 2.86 -23.23 -29.07
C PRO A 980 3.51 -24.27 -28.15
N PHE A 981 3.43 -24.05 -26.84
CA PHE A 981 4.15 -24.85 -25.85
C PHE A 981 3.31 -25.85 -25.03
N SER A 982 2.02 -25.95 -25.31
CA SER A 982 1.17 -26.95 -24.65
C SER A 982 0.01 -27.38 -25.57
N PRO A 983 -0.58 -28.56 -25.33
CA PRO A 983 -1.54 -29.12 -26.29
C PRO A 983 -2.94 -28.54 -26.12
N ILE A 984 -3.11 -27.27 -26.47
CA ILE A 984 -4.38 -26.55 -26.28
C ILE A 984 -4.85 -25.95 -27.59
N VAL A 985 -6.15 -26.03 -27.85
CA VAL A 985 -6.80 -25.29 -28.93
C VAL A 985 -7.74 -24.27 -28.29
N VAL A 986 -7.76 -23.06 -28.85
CA VAL A 986 -8.77 -22.06 -28.52
C VAL A 986 -9.59 -21.87 -29.77
N ALA A 987 -10.91 -21.97 -29.65
CA ALA A 987 -11.82 -21.85 -30.79
C ALA A 987 -12.92 -20.85 -30.48
N ALA A 988 -13.34 -20.10 -31.50
CA ALA A 988 -14.33 -19.04 -31.35
C ALA A 988 -15.56 -19.26 -32.24
N ASP A 989 -16.75 -19.14 -31.65
CA ASP A 989 -18.03 -19.20 -32.35
C ASP A 989 -18.26 -17.91 -33.15
N GLU A 990 -19.28 -17.92 -34.02
CA GLU A 990 -19.65 -16.70 -34.77
C GLU A 990 -20.19 -15.57 -33.89
N ASN A 991 -20.67 -15.91 -32.70
CA ASN A 991 -21.11 -14.89 -31.73
C ASN A 991 -20.08 -14.68 -30.59
N GLU A 992 -18.80 -14.93 -30.91
CA GLU A 992 -17.65 -14.68 -30.04
C GLU A 992 -17.66 -15.44 -28.70
N ARG A 993 -18.31 -16.60 -28.65
CA ARG A 993 -18.15 -17.51 -27.53
C ARG A 993 -16.77 -18.14 -27.65
N ILE A 994 -16.01 -18.16 -26.56
CA ILE A 994 -14.65 -18.72 -26.58
C ILE A 994 -14.58 -19.98 -25.74
N ARG A 995 -14.00 -21.03 -26.34
CA ARG A 995 -13.83 -22.33 -25.72
C ARG A 995 -12.37 -22.72 -25.81
N VAL A 996 -11.82 -23.24 -24.72
CA VAL A 996 -10.43 -23.70 -24.66
C VAL A 996 -10.45 -25.21 -24.36
N TRP A 997 -9.74 -25.99 -25.19
CA TRP A 997 -9.80 -27.45 -25.14
C TRP A 997 -8.42 -28.09 -25.25
N ASN A 998 -8.16 -29.03 -24.35
CA ASN A 998 -6.90 -29.77 -24.30
C ASN A 998 -7.02 -31.02 -25.19
N TYR A 999 -6.38 -30.98 -26.36
CA TYR A 999 -6.45 -32.10 -27.32
C TYR A 999 -5.69 -33.37 -26.89
N GLU A 1000 -4.72 -33.21 -25.99
CA GLU A 1000 -3.97 -34.35 -25.45
C GLU A 1000 -4.81 -35.17 -24.47
N GLU A 1001 -5.49 -34.49 -23.56
CA GLU A 1001 -6.37 -35.15 -22.59
C GLU A 1001 -7.85 -35.22 -23.00
N ALA A 1002 -8.22 -34.53 -24.08
CA ALA A 1002 -9.61 -34.42 -24.54
C ALA A 1002 -10.58 -33.92 -23.44
N THR A 1003 -10.52 -32.63 -23.16
CA THR A 1003 -11.28 -32.04 -22.06
C THR A 1003 -11.41 -30.49 -22.16
N LEU A 1004 -12.63 -29.98 -21.96
CA LEU A 1004 -12.88 -28.53 -21.96
C LEU A 1004 -12.21 -27.89 -20.75
N LEU A 1005 -11.17 -27.09 -21.01
CA LEU A 1005 -10.49 -26.36 -19.94
C LEU A 1005 -11.31 -25.14 -19.47
N ASN A 1006 -11.94 -24.42 -20.39
CA ASN A 1006 -12.66 -23.18 -20.06
C ASN A 1006 -13.66 -22.75 -21.13
N GLY A 1007 -14.62 -21.93 -20.73
CA GLY A 1007 -15.58 -21.30 -21.65
C GLY A 1007 -15.93 -19.88 -21.23
N PHE A 1008 -15.68 -18.91 -22.12
CA PHE A 1008 -16.04 -17.50 -21.93
C PHE A 1008 -17.33 -17.18 -22.68
N ASP A 1009 -17.81 -15.97 -22.45
CA ASP A 1009 -18.38 -15.14 -23.50
C ASP A 1009 -17.43 -13.93 -23.62
N ASN A 1010 -16.97 -13.64 -24.82
CA ASN A 1010 -16.24 -12.40 -25.10
C ASN A 1010 -17.32 -11.34 -25.26
N HIS A 1011 -17.60 -10.60 -24.20
CA HIS A 1011 -18.67 -9.57 -24.13
C HIS A 1011 -20.13 -10.04 -24.24
N ASP A 1012 -21.02 -9.30 -23.57
CA ASP A 1012 -22.47 -9.58 -23.53
C ASP A 1012 -23.33 -8.61 -24.36
N PHE A 1013 -22.70 -7.75 -25.17
CA PHE A 1013 -23.43 -6.89 -26.13
C PHE A 1013 -24.16 -7.71 -27.18
N PRO A 1014 -25.34 -7.24 -27.63
CA PRO A 1014 -26.17 -8.05 -28.54
C PRO A 1014 -25.59 -8.24 -29.95
N ASP A 1015 -24.87 -7.25 -30.47
CA ASP A 1015 -24.28 -7.35 -31.81
C ASP A 1015 -22.94 -8.09 -31.76
N LYS A 1016 -22.93 -9.30 -32.29
CA LYS A 1016 -21.77 -10.19 -32.20
C LYS A 1016 -21.04 -10.28 -33.55
N GLY A 1017 -19.82 -10.82 -33.50
CA GLY A 1017 -19.01 -11.08 -34.69
C GLY A 1017 -17.52 -11.21 -34.40
N ILE A 1018 -17.00 -12.43 -34.47
CA ILE A 1018 -15.56 -12.70 -34.25
C ILE A 1018 -14.73 -12.36 -35.51
N SER A 1019 -13.53 -11.79 -35.31
CA SER A 1019 -12.60 -11.56 -36.41
C SER A 1019 -11.22 -12.22 -36.25
N LYS A 1020 -10.67 -12.26 -35.04
CA LYS A 1020 -9.29 -12.76 -34.87
C LYS A 1020 -8.94 -13.22 -33.45
N LEU A 1021 -8.15 -14.29 -33.37
CA LEU A 1021 -7.56 -14.77 -32.11
C LEU A 1021 -6.04 -14.78 -32.20
N CYS A 1022 -5.36 -14.11 -31.27
CA CYS A 1022 -3.90 -14.21 -31.13
C CYS A 1022 -3.52 -14.46 -29.69
N LEU A 1023 -2.33 -15.02 -29.50
CA LEU A 1023 -1.68 -15.03 -28.20
C LEU A 1023 -0.71 -13.85 -28.11
N ILE A 1024 -0.60 -13.31 -26.90
CA ILE A 1024 0.36 -12.25 -26.59
C ILE A 1024 1.23 -12.78 -25.44
N ASN A 1025 2.52 -12.48 -25.49
CA ASN A 1025 3.52 -12.96 -24.53
C ASN A 1025 3.63 -14.49 -24.47
N GLU A 1026 3.67 -15.12 -25.65
CA GLU A 1026 3.87 -16.57 -25.79
C GLU A 1026 5.02 -17.10 -24.92
N LEU A 1027 6.17 -16.41 -24.97
CA LEU A 1027 7.38 -16.88 -24.29
C LEU A 1027 7.30 -16.86 -22.76
N ASP A 1028 6.33 -16.14 -22.19
CA ASP A 1028 6.03 -16.26 -20.75
C ASP A 1028 4.64 -15.79 -20.36
N ASP A 1029 3.73 -16.74 -20.25
CA ASP A 1029 2.37 -16.52 -19.71
C ASP A 1029 1.49 -15.78 -20.72
N SER A 1030 0.99 -16.57 -21.66
CA SER A 1030 0.18 -16.11 -22.78
C SER A 1030 -1.11 -15.42 -22.34
N LEU A 1031 -1.48 -14.39 -23.08
CA LEU A 1031 -2.76 -13.69 -22.92
C LEU A 1031 -3.48 -13.87 -24.25
N LEU A 1032 -4.78 -14.14 -24.21
CA LEU A 1032 -5.57 -14.32 -25.43
C LEU A 1032 -6.11 -12.98 -25.89
N LEU A 1033 -5.61 -12.50 -27.03
CA LEU A 1033 -6.18 -11.35 -27.72
C LEU A 1033 -7.36 -11.84 -28.53
N VAL A 1034 -8.48 -11.11 -28.46
CA VAL A 1034 -9.70 -11.44 -29.20
C VAL A 1034 -10.21 -10.18 -29.90
N ALA A 1035 -10.18 -10.21 -31.23
CA ALA A 1035 -10.63 -9.08 -32.03
C ALA A 1035 -12.03 -9.36 -32.57
N SER A 1036 -12.90 -8.35 -32.52
CA SER A 1036 -14.25 -8.44 -33.07
C SER A 1036 -14.40 -7.69 -34.40
N CYS A 1037 -15.37 -8.11 -35.18
CA CYS A 1037 -15.67 -7.50 -36.49
C CYS A 1037 -16.06 -6.01 -36.45
N ASP A 1038 -16.30 -5.42 -35.27
CA ASP A 1038 -16.40 -3.95 -35.13
C ASP A 1038 -15.09 -3.28 -34.64
N GLY A 1039 -13.98 -4.04 -34.65
CA GLY A 1039 -12.66 -3.52 -34.29
C GLY A 1039 -12.32 -3.48 -32.81
N SER A 1040 -13.23 -3.94 -31.94
CA SER A 1040 -12.94 -3.94 -30.51
C SER A 1040 -12.05 -5.14 -30.19
N VAL A 1041 -11.04 -4.86 -29.36
CA VAL A 1041 -10.01 -5.81 -28.97
C VAL A 1041 -10.19 -6.04 -27.48
N ARG A 1042 -10.16 -7.31 -27.07
CA ARG A 1042 -10.16 -7.67 -25.67
C ARG A 1042 -9.05 -8.67 -25.43
N ILE A 1043 -8.25 -8.44 -24.40
CA ILE A 1043 -7.12 -9.31 -24.09
C ILE A 1043 -7.35 -9.97 -22.72
N TRP A 1044 -7.42 -11.30 -22.72
CA TRP A 1044 -7.77 -12.09 -21.54
C TRP A 1044 -6.57 -12.81 -20.89
N LYS A 1045 -6.44 -12.68 -19.57
CA LYS A 1045 -5.43 -13.42 -18.80
C LYS A 1045 -6.06 -14.66 -18.22
N ASN A 1046 -5.26 -15.73 -18.10
CA ASN A 1046 -5.71 -17.03 -17.55
C ASN A 1046 -6.98 -17.55 -18.24
N TYR A 1047 -6.94 -17.52 -19.56
CA TYR A 1047 -8.03 -18.02 -20.39
C TYR A 1047 -8.26 -19.53 -20.28
N ALA A 1048 -7.19 -20.29 -20.04
CA ALA A 1048 -7.27 -21.76 -19.99
C ALA A 1048 -7.52 -22.33 -18.59
N THR A 1049 -7.81 -21.47 -17.61
CA THR A 1049 -8.12 -21.89 -16.24
C THR A 1049 -9.62 -22.04 -16.05
N LYS A 1050 -10.01 -23.05 -15.27
CA LYS A 1050 -11.39 -23.57 -15.20
C LYS A 1050 -12.54 -22.55 -15.21
N GLY A 1051 -12.35 -21.42 -14.55
CA GLY A 1051 -13.29 -20.29 -14.67
C GLY A 1051 -12.69 -18.98 -14.21
N LYS A 1052 -11.40 -18.79 -14.46
CA LYS A 1052 -10.59 -17.77 -13.78
C LYS A 1052 -9.95 -16.82 -14.79
N GLN A 1053 -10.79 -16.24 -15.62
CA GLN A 1053 -10.33 -15.37 -16.69
C GLN A 1053 -10.63 -13.96 -16.28
N LYS A 1054 -9.70 -13.05 -16.56
CA LYS A 1054 -9.88 -11.64 -16.28
C LYS A 1054 -9.53 -10.85 -17.53
N LEU A 1055 -10.35 -9.85 -17.84
CA LEU A 1055 -10.09 -8.97 -18.96
C LEU A 1055 -8.97 -8.04 -18.52
N VAL A 1056 -7.80 -8.21 -19.15
CA VAL A 1056 -6.61 -7.43 -18.83
C VAL A 1056 -6.78 -6.00 -19.32
N THR A 1057 -7.19 -5.87 -20.58
CA THR A 1057 -7.47 -4.58 -21.20
C THR A 1057 -8.43 -4.80 -22.34
N GLY A 1058 -9.35 -3.86 -22.51
CA GLY A 1058 -10.20 -3.79 -23.70
C GLY A 1058 -10.09 -2.41 -24.31
N PHE A 1059 -10.04 -2.35 -25.64
CA PHE A 1059 -10.06 -1.08 -26.34
C PHE A 1059 -10.61 -1.23 -27.76
N SER A 1060 -11.09 -0.12 -28.31
CA SER A 1060 -11.61 -0.08 -29.67
C SER A 1060 -10.54 0.46 -30.61
N SER A 1061 -9.95 -0.44 -31.41
CA SER A 1061 -9.16 -0.07 -32.58
C SER A 1061 -10.15 0.32 -33.67
N ILE A 1062 -9.72 1.15 -34.61
CA ILE A 1062 -10.62 1.74 -35.62
C ILE A 1062 -11.65 2.68 -34.96
N GLN A 1063 -11.65 3.94 -35.38
CA GLN A 1063 -12.46 4.98 -34.76
C GLN A 1063 -13.37 5.68 -35.79
N LEU A 1072 -18.34 -3.07 -41.14
CA LEU A 1072 -16.90 -2.74 -40.98
C LEU A 1072 -15.95 -3.89 -41.35
N ASN A 1073 -16.27 -5.11 -40.90
CA ASN A 1073 -15.43 -6.29 -41.12
C ASN A 1073 -13.98 -6.00 -40.74
N ALA A 1074 -13.77 -5.71 -39.45
CA ALA A 1074 -12.45 -5.35 -38.94
C ALA A 1074 -11.49 -6.52 -39.00
N VAL A 1075 -10.23 -6.21 -39.25
CA VAL A 1075 -9.17 -7.20 -39.40
C VAL A 1075 -7.97 -6.74 -38.58
N VAL A 1076 -7.28 -7.70 -37.97
CA VAL A 1076 -6.32 -7.44 -36.92
C VAL A 1076 -5.11 -8.36 -37.08
N ASP A 1077 -3.94 -7.88 -36.67
CA ASP A 1077 -2.81 -8.77 -36.43
C ASP A 1077 -1.85 -8.16 -35.41
N TRP A 1078 -1.30 -9.02 -34.55
CA TRP A 1078 -0.36 -8.62 -33.48
C TRP A 1078 1.08 -8.84 -33.94
N GLN A 1079 2.00 -8.03 -33.41
CA GLN A 1079 3.44 -8.13 -33.71
C GLN A 1079 4.24 -7.99 -32.40
N GLN A 1080 4.61 -9.13 -31.81
CA GLN A 1080 5.28 -9.15 -30.50
C GLN A 1080 6.60 -8.38 -30.48
N GLN A 1081 7.38 -8.52 -31.56
CA GLN A 1081 8.72 -7.90 -31.68
C GLN A 1081 8.68 -6.40 -31.38
N SER A 1082 7.73 -5.70 -32.01
CA SER A 1082 7.57 -4.26 -31.89
C SER A 1082 6.58 -3.82 -30.81
N GLY A 1083 5.72 -4.73 -30.35
CA GLY A 1083 4.64 -4.39 -29.42
C GLY A 1083 3.47 -3.67 -30.08
N TYR A 1084 3.35 -3.84 -31.39
CA TYR A 1084 2.34 -3.14 -32.19
C TYR A 1084 1.12 -4.02 -32.51
N LEU A 1085 -0.07 -3.43 -32.47
CA LEU A 1085 -1.27 -4.05 -33.03
C LEU A 1085 -1.71 -3.25 -34.25
N TYR A 1086 -1.78 -3.93 -35.39
CA TYR A 1086 -2.24 -3.35 -36.64
C TYR A 1086 -3.72 -3.67 -36.79
N ALA A 1087 -4.55 -2.63 -36.94
CA ALA A 1087 -5.98 -2.80 -37.14
C ALA A 1087 -6.43 -2.02 -38.36
N SER A 1088 -7.39 -2.58 -39.10
CA SER A 1088 -7.96 -1.96 -40.29
C SER A 1088 -9.20 -2.75 -40.72
N GLY A 1089 -9.72 -2.45 -41.90
CA GLY A 1089 -10.86 -3.20 -42.44
C GLY A 1089 -11.52 -2.48 -43.60
N GLU A 1090 -12.76 -2.06 -43.42
CA GLU A 1090 -13.47 -1.28 -44.44
C GLU A 1090 -13.32 0.23 -44.13
N THR A 1091 -12.06 0.67 -44.15
CA THR A 1091 -11.67 2.06 -43.88
C THR A 1091 -10.52 2.44 -44.81
N SER A 1092 -10.34 3.73 -45.06
CA SER A 1092 -9.19 4.24 -45.83
C SER A 1092 -7.84 4.13 -45.12
N THR A 1093 -7.83 3.87 -43.81
CA THR A 1093 -6.61 3.87 -42.98
C THR A 1093 -6.32 2.55 -42.30
N VAL A 1094 -5.06 2.40 -41.85
CA VAL A 1094 -4.62 1.29 -41.01
C VAL A 1094 -4.17 1.88 -39.67
N THR A 1095 -4.90 1.54 -38.61
CA THR A 1095 -4.57 1.99 -37.27
C THR A 1095 -3.44 1.14 -36.69
N LEU A 1096 -2.57 1.80 -35.92
CA LEU A 1096 -1.36 1.20 -35.36
C LEU A 1096 -1.27 1.54 -33.87
N TRP A 1097 -1.36 0.50 -33.02
CA TRP A 1097 -1.42 0.67 -31.56
C TRP A 1097 -0.18 0.15 -30.89
N ASP A 1098 0.48 0.97 -30.08
CA ASP A 1098 1.57 0.50 -29.23
C ASP A 1098 0.96 0.04 -27.90
N LEU A 1099 0.93 -1.26 -27.65
CA LEU A 1099 0.34 -1.79 -26.41
C LEU A 1099 1.21 -1.67 -25.17
N GLU A 1100 2.50 -1.38 -25.32
CA GLU A 1100 3.34 -1.02 -24.16
C GLU A 1100 2.90 0.32 -23.61
N LYS A 1101 2.54 1.24 -24.49
CA LYS A 1101 2.00 2.54 -24.12
C LYS A 1101 0.48 2.51 -23.99
N GLU A 1102 -0.18 1.68 -24.81
CA GLU A 1102 -1.64 1.70 -24.99
C GLU A 1102 -2.07 3.06 -25.57
N GLN A 1103 -1.55 3.34 -26.76
CA GLN A 1103 -1.76 4.60 -27.47
C GLN A 1103 -1.92 4.32 -28.96
N LEU A 1104 -2.78 5.08 -29.63
CA LEU A 1104 -2.82 5.08 -31.09
C LEU A 1104 -1.59 5.85 -31.55
N VAL A 1105 -0.64 5.11 -32.11
CA VAL A 1105 0.68 5.65 -32.48
C VAL A 1105 0.64 6.34 -33.84
N ARG A 1106 0.00 5.73 -34.82
CA ARG A 1106 -0.19 6.37 -36.13
C ARG A 1106 -1.41 5.82 -36.87
N SER A 1107 -2.08 6.70 -37.61
CA SER A 1107 -3.08 6.31 -38.61
C SER A 1107 -2.44 6.39 -39.99
N VAL A 1108 -2.04 5.23 -40.52
CA VAL A 1108 -1.40 5.14 -41.83
C VAL A 1108 -2.47 5.10 -42.93
N PRO A 1109 -2.37 5.97 -43.97
CA PRO A 1109 -3.31 5.85 -45.09
C PRO A 1109 -3.03 4.60 -45.92
N SER A 1110 -4.04 3.76 -46.12
CA SER A 1110 -3.88 2.50 -46.89
C SER A 1110 -3.68 2.79 -48.38
N GLU A 1111 -4.38 3.80 -48.87
CA GLU A 1111 -4.23 4.30 -50.24
C GLU A 1111 -4.64 3.27 -51.29
N SER A 1112 -5.95 2.95 -51.29
CA SER A 1112 -6.55 2.06 -52.30
C SER A 1112 -7.99 2.41 -52.71
N GLU A 1113 -8.84 2.71 -51.73
CA GLU A 1113 -10.24 3.10 -51.94
C GLU A 1113 -11.25 1.95 -51.98
N CYS A 1114 -10.76 0.73 -51.73
CA CYS A 1114 -11.59 -0.38 -51.26
C CYS A 1114 -10.99 -0.93 -49.96
N GLY A 1115 -11.74 -1.77 -49.26
CA GLY A 1115 -11.36 -2.19 -47.91
C GLY A 1115 -10.18 -3.15 -47.84
N VAL A 1116 -9.59 -3.22 -46.65
CA VAL A 1116 -8.61 -4.22 -46.29
C VAL A 1116 -9.36 -5.48 -45.84
N THR A 1117 -9.13 -6.59 -46.55
CA THR A 1117 -9.78 -7.86 -46.24
C THR A 1117 -8.87 -8.87 -45.55
N ALA A 1118 -7.56 -8.59 -45.49
CA ALA A 1118 -6.59 -9.50 -44.87
C ALA A 1118 -5.39 -8.70 -44.38
N LEU A 1119 -4.77 -9.16 -43.30
CA LEU A 1119 -3.72 -8.39 -42.64
C LEU A 1119 -2.69 -9.32 -41.99
N SER A 1120 -1.42 -9.16 -42.33
CA SER A 1120 -0.36 -9.96 -41.74
C SER A 1120 0.88 -9.14 -41.40
N ALA A 1121 1.19 -9.10 -40.10
CA ALA A 1121 2.39 -8.47 -39.59
C ALA A 1121 3.55 -9.46 -39.69
N SER A 1122 4.69 -9.00 -40.19
CA SER A 1122 5.91 -9.80 -40.19
C SER A 1122 6.34 -10.07 -38.74
N GLN A 1123 6.45 -11.34 -38.37
CA GLN A 1123 6.95 -11.71 -37.04
C GLN A 1123 8.47 -11.53 -36.88
N VAL A 1124 9.20 -11.60 -37.98
CA VAL A 1124 10.64 -11.41 -37.96
C VAL A 1124 11.00 -9.93 -37.85
N HIS A 1125 10.47 -9.12 -38.77
CA HIS A 1125 10.85 -7.70 -38.88
C HIS A 1125 9.79 -6.74 -38.35
N GLY A 1126 10.14 -5.99 -37.32
CA GLY A 1126 9.24 -5.03 -36.69
C GLY A 1126 8.85 -3.89 -37.60
N GLY A 1127 7.60 -3.44 -37.50
CA GLY A 1127 7.07 -2.39 -38.36
C GLY A 1127 6.77 -2.81 -39.78
N GLN A 1128 6.79 -4.11 -40.07
CA GLN A 1128 6.62 -4.61 -41.43
C GLN A 1128 5.27 -5.33 -41.57
N LEU A 1129 4.40 -4.77 -42.41
CA LEU A 1129 3.01 -5.21 -42.52
C LEU A 1129 2.71 -5.58 -43.95
N ALA A 1130 1.84 -6.58 -44.12
CA ALA A 1130 1.30 -6.99 -45.43
C ALA A 1130 -0.22 -6.94 -45.37
N ALA A 1131 -0.84 -6.30 -46.35
CA ALA A 1131 -2.31 -6.15 -46.38
C ALA A 1131 -2.84 -6.53 -47.76
N GLY A 1132 -3.90 -7.34 -47.76
CA GLY A 1132 -4.64 -7.72 -48.97
C GLY A 1132 -5.98 -7.00 -48.98
N PHE A 1133 -6.50 -6.77 -50.18
CA PHE A 1133 -7.64 -5.85 -50.37
C PHE A 1133 -8.83 -6.48 -51.09
N ALA A 1134 -9.98 -5.85 -50.88
CA ALA A 1134 -11.26 -6.29 -51.45
C ALA A 1134 -11.29 -6.46 -52.99
N ASP A 1135 -10.38 -5.80 -53.70
CA ASP A 1135 -10.24 -5.95 -55.16
C ASP A 1135 -9.02 -6.80 -55.59
N GLY A 1136 -8.51 -7.62 -54.67
CA GLY A 1136 -7.37 -8.51 -54.96
C GLY A 1136 -5.98 -7.87 -54.98
N SER A 1137 -5.89 -6.61 -54.51
CA SER A 1137 -4.63 -5.89 -54.45
C SER A 1137 -3.78 -6.37 -53.28
N LEU A 1138 -2.58 -5.82 -53.17
CA LEU A 1138 -1.63 -6.25 -52.16
C LEU A 1138 -0.62 -5.16 -51.85
N ARG A 1139 -0.38 -4.91 -50.56
CA ARG A 1139 0.45 -3.78 -50.14
C ARG A 1139 1.40 -4.09 -48.98
N LEU A 1140 2.68 -3.77 -49.20
CA LEU A 1140 3.70 -3.78 -48.14
C LEU A 1140 3.80 -2.40 -47.52
N TYR A 1141 3.76 -2.34 -46.19
CA TYR A 1141 3.92 -1.09 -45.45
C TYR A 1141 5.05 -1.21 -44.44
N ASP A 1142 6.05 -0.32 -44.53
CA ASP A 1142 7.00 -0.13 -43.41
C ASP A 1142 6.45 0.98 -42.53
N VAL A 1143 5.90 0.60 -41.39
CA VAL A 1143 5.10 1.51 -40.57
C VAL A 1143 6.00 2.46 -39.73
N ARG A 1144 7.29 2.15 -39.64
CA ARG A 1144 8.28 3.05 -39.04
C ARG A 1144 8.84 4.12 -40.00
N SER A 1145 8.67 3.94 -41.31
CA SER A 1145 9.16 4.89 -42.32
C SER A 1145 8.25 6.13 -42.39
N PRO A 1146 8.81 7.30 -42.83
CA PRO A 1146 7.91 8.45 -43.04
C PRO A 1146 6.83 8.12 -44.05
N GLU A 1147 7.22 7.66 -45.24
CA GLU A 1147 6.29 7.13 -46.25
C GLU A 1147 6.03 5.64 -45.92
N PRO A 1148 4.83 5.31 -45.42
CA PRO A 1148 4.64 3.93 -44.97
C PRO A 1148 4.55 2.91 -46.11
N LEU A 1149 3.96 3.30 -47.23
CA LEU A 1149 3.75 2.38 -48.35
C LEU A 1149 5.06 2.08 -49.09
N VAL A 1150 5.57 0.86 -48.91
CA VAL A 1150 6.78 0.39 -49.59
C VAL A 1150 6.45 0.03 -51.04
N CYS A 1151 5.44 -0.81 -51.24
CA CYS A 1151 5.02 -1.18 -52.59
C CYS A 1151 3.57 -1.70 -52.65
N ALA A 1152 2.97 -1.61 -53.84
CA ALA A 1152 1.59 -2.01 -54.07
C ALA A 1152 1.51 -2.77 -55.40
N THR A 1153 1.01 -3.99 -55.37
CA THR A 1153 1.02 -4.88 -56.54
C THR A 1153 -0.34 -5.56 -56.68
N ARG A 1154 -0.73 -5.83 -57.93
CA ARG A 1154 -1.97 -6.56 -58.26
C ARG A 1154 -1.98 -8.09 -58.06
N PRO A 1155 -0.95 -8.82 -58.58
CA PRO A 1155 -0.84 -10.28 -58.51
C PRO A 1155 -1.95 -11.16 -57.92
N HIS A 1156 -2.22 -12.22 -58.68
CA HIS A 1156 -3.55 -12.76 -59.03
C HIS A 1156 -4.55 -11.73 -59.62
N GLN A 1157 -5.16 -12.14 -60.74
CA GLN A 1157 -5.78 -11.25 -61.72
C GLN A 1157 -7.31 -11.24 -61.78
N LYS A 1158 -7.95 -12.03 -60.93
CA LYS A 1158 -9.39 -11.95 -60.75
C LYS A 1158 -9.66 -10.85 -59.71
N VAL A 1159 -10.54 -9.89 -60.02
CA VAL A 1159 -10.89 -8.84 -59.06
C VAL A 1159 -11.85 -9.44 -58.03
N GLU A 1160 -11.26 -10.09 -57.03
CA GLU A 1160 -11.98 -10.65 -55.89
C GLU A 1160 -11.10 -10.48 -54.66
N ARG A 1161 -11.70 -10.48 -53.48
CA ARG A 1161 -10.93 -10.15 -52.28
C ARG A 1161 -9.83 -11.16 -51.95
N VAL A 1162 -8.76 -10.64 -51.36
CA VAL A 1162 -7.72 -11.49 -50.78
C VAL A 1162 -8.30 -11.97 -49.46
N VAL A 1163 -8.51 -13.27 -49.35
CA VAL A 1163 -9.15 -13.85 -48.16
C VAL A 1163 -8.10 -13.99 -47.07
N GLY A 1164 -6.90 -14.41 -47.45
CA GLY A 1164 -5.79 -14.54 -46.49
C GLY A 1164 -4.43 -14.24 -47.07
N LEU A 1165 -3.55 -13.69 -46.25
CA LEU A 1165 -2.13 -13.51 -46.61
C LEU A 1165 -1.20 -13.64 -45.41
N SER A 1166 0.06 -13.97 -45.68
CA SER A 1166 1.10 -14.06 -44.66
C SER A 1166 2.49 -13.99 -45.24
N PHE A 1167 3.42 -13.44 -44.46
CA PHE A 1167 4.84 -13.47 -44.83
C PHE A 1167 5.34 -14.92 -44.84
N GLN A 1168 6.23 -15.22 -45.78
CA GLN A 1168 6.77 -16.58 -45.91
C GLN A 1168 7.57 -16.96 -44.67
N PRO A 1169 7.71 -18.28 -44.40
CA PRO A 1169 8.56 -18.64 -43.27
C PRO A 1169 10.02 -18.38 -43.63
N GLY A 1170 10.77 -17.82 -42.69
CA GLY A 1170 12.16 -17.43 -42.90
C GLY A 1170 12.45 -16.01 -42.46
N LEU A 1171 13.67 -15.55 -42.74
CA LEU A 1171 14.13 -14.22 -42.36
C LEU A 1171 14.14 -13.17 -43.50
N ASP A 1172 13.82 -13.59 -44.73
CA ASP A 1172 13.69 -12.67 -45.86
C ASP A 1172 12.28 -12.06 -45.86
N PRO A 1173 12.10 -10.84 -46.41
CA PRO A 1173 10.74 -10.31 -46.74
C PRO A 1173 10.05 -10.80 -48.05
N ALA A 1174 10.03 -12.14 -48.24
CA ALA A 1174 9.22 -12.83 -49.27
C ALA A 1174 7.85 -13.19 -48.67
N LYS A 1175 6.95 -13.77 -49.47
CA LYS A 1175 5.51 -13.83 -49.10
C LYS A 1175 4.70 -14.97 -49.71
N VAL A 1176 4.13 -15.84 -48.86
CA VAL A 1176 3.25 -16.93 -49.30
C VAL A 1176 2.02 -16.28 -49.87
N VAL A 1177 1.36 -15.50 -49.02
CA VAL A 1177 0.39 -14.48 -49.38
C VAL A 1177 -0.61 -14.78 -50.49
N SER A 1178 -1.76 -14.15 -50.35
CA SER A 1178 -2.67 -13.95 -51.44
C SER A 1178 -3.19 -15.28 -51.93
N ALA A 1179 -3.94 -15.88 -51.05
CA ALA A 1179 -5.03 -16.72 -51.44
C ALA A 1179 -6.11 -15.71 -51.83
N SER A 1180 -6.46 -15.67 -53.11
CA SER A 1180 -7.65 -14.95 -53.54
C SER A 1180 -8.84 -15.86 -53.34
N GLN A 1181 -10.00 -15.26 -53.11
CA GLN A 1181 -11.26 -16.01 -53.06
C GLN A 1181 -11.49 -16.76 -54.37
N ALA A 1182 -11.10 -16.16 -55.49
CA ALA A 1182 -11.07 -16.82 -56.82
C ALA A 1182 -10.44 -18.23 -56.81
N GLY A 1183 -9.53 -18.45 -55.86
CA GLY A 1183 -9.08 -19.79 -55.49
C GLY A 1183 -7.64 -20.13 -55.82
N ASP A 1184 -6.80 -19.11 -55.89
CA ASP A 1184 -5.44 -19.28 -56.35
C ASP A 1184 -4.49 -18.62 -55.37
N ILE A 1185 -3.55 -19.41 -54.84
CA ILE A 1185 -2.55 -18.92 -53.92
C ILE A 1185 -1.39 -18.44 -54.79
N GLN A 1186 -0.80 -17.30 -54.42
CA GLN A 1186 0.26 -16.68 -55.20
C GLN A 1186 1.50 -16.37 -54.37
N PHE A 1187 2.57 -17.09 -54.64
CA PHE A 1187 3.86 -16.83 -54.00
C PHE A 1187 4.54 -15.68 -54.77
N LEU A 1188 5.17 -14.77 -54.04
CA LEU A 1188 5.96 -13.69 -54.65
C LEU A 1188 6.90 -13.06 -53.62
N ASP A 1189 8.12 -12.69 -54.05
CA ASP A 1189 9.01 -11.88 -53.20
C ASP A 1189 9.27 -10.53 -53.86
N LEU A 1190 9.02 -9.45 -53.11
CA LEU A 1190 8.95 -8.10 -53.66
C LEU A 1190 10.30 -7.34 -53.65
N ARG A 1191 11.39 -8.04 -53.35
CA ARG A 1191 12.73 -7.48 -53.50
C ARG A 1191 13.10 -7.31 -54.97
N THR A 1192 12.96 -8.40 -55.73
CA THR A 1192 13.39 -8.46 -57.14
C THR A 1192 12.31 -8.07 -58.15
N THR A 1193 11.16 -8.75 -58.08
CA THR A 1193 10.06 -8.60 -59.07
C THR A 1193 8.69 -8.39 -58.44
N ARG A 1194 7.76 -7.93 -59.26
CA ARG A 1194 6.35 -7.77 -58.87
C ARG A 1194 5.51 -9.01 -59.18
N ASP A 1195 5.79 -9.63 -60.32
CA ASP A 1195 5.04 -10.83 -60.77
C ASP A 1195 5.49 -12.10 -60.04
N THR A 1196 4.57 -13.06 -59.97
CA THR A 1196 4.61 -14.15 -59.01
C THR A 1196 5.60 -15.30 -59.29
N TYR A 1197 6.59 -15.38 -58.41
CA TYR A 1197 7.35 -16.59 -58.05
C TYR A 1197 6.72 -17.94 -58.45
N LEU A 1198 5.51 -18.19 -57.93
CA LEU A 1198 4.80 -19.48 -58.09
C LEU A 1198 3.28 -19.31 -57.94
N THR A 1199 2.52 -19.94 -58.83
CA THR A 1199 1.05 -19.98 -58.75
C THR A 1199 0.55 -21.40 -58.43
N ILE A 1200 -0.40 -21.50 -57.50
CA ILE A 1200 -1.09 -22.76 -57.25
C ILE A 1200 -2.61 -22.51 -57.32
N ASP A 1201 -3.31 -23.33 -58.11
CA ASP A 1201 -4.76 -23.28 -58.25
C ASP A 1201 -5.38 -24.30 -57.31
N ALA A 1202 -5.64 -23.88 -56.08
CA ALA A 1202 -6.20 -24.76 -55.05
C ALA A 1202 -7.67 -25.10 -55.29
N HIS A 1203 -8.48 -24.11 -55.67
CA HIS A 1203 -9.94 -24.26 -55.73
C HIS A 1203 -10.56 -23.50 -56.90
N ARG A 1204 -11.50 -24.13 -57.62
CA ARG A 1204 -12.24 -23.44 -58.70
C ARG A 1204 -13.25 -22.47 -58.07
N GLY A 1205 -12.77 -21.29 -57.72
CA GLY A 1205 -13.56 -20.32 -56.97
C GLY A 1205 -13.74 -20.69 -55.51
N SER A 1206 -14.34 -19.77 -54.75
CA SER A 1206 -14.83 -20.03 -53.41
C SER A 1206 -13.76 -20.45 -52.42
N LEU A 1207 -12.58 -19.83 -52.51
CA LEU A 1207 -11.55 -20.01 -51.49
C LEU A 1207 -12.01 -19.27 -50.26
N THR A 1208 -11.98 -19.97 -49.14
CA THR A 1208 -12.60 -19.50 -47.91
C THR A 1208 -11.64 -19.43 -46.69
N ALA A 1209 -10.52 -20.16 -46.75
CA ALA A 1209 -9.44 -20.05 -45.76
C ALA A 1209 -8.06 -20.31 -46.37
N LEU A 1210 -7.05 -19.67 -45.79
CA LEU A 1210 -5.64 -19.95 -46.04
C LEU A 1210 -4.94 -20.01 -44.70
N ALA A 1211 -3.96 -20.92 -44.59
CA ALA A 1211 -3.16 -21.12 -43.38
C ALA A 1211 -1.71 -21.33 -43.79
N VAL A 1212 -0.82 -20.55 -43.20
CA VAL A 1212 0.61 -20.59 -43.53
C VAL A 1212 1.37 -20.81 -42.25
N HIS A 1213 2.27 -21.79 -42.26
CA HIS A 1213 3.06 -22.15 -41.08
C HIS A 1213 4.08 -21.03 -40.81
N ARG A 1214 4.46 -20.88 -39.54
CA ARG A 1214 5.42 -19.85 -39.14
C ARG A 1214 6.87 -20.15 -39.51
N HIS A 1215 7.22 -21.43 -39.67
CA HIS A 1215 8.62 -21.87 -39.90
C HIS A 1215 8.76 -23.00 -40.93
N ALA A 1216 7.94 -24.03 -40.80
CA ALA A 1216 7.94 -25.20 -41.71
C ALA A 1216 7.37 -24.88 -43.10
N PRO A 1217 7.96 -25.46 -44.16
CA PRO A 1217 7.52 -25.16 -45.53
C PRO A 1217 6.21 -25.86 -45.91
N ILE A 1218 5.10 -25.38 -45.36
CA ILE A 1218 3.80 -25.99 -45.64
C ILE A 1218 2.67 -24.95 -45.51
N ILE A 1219 1.67 -25.09 -46.38
CA ILE A 1219 0.46 -24.27 -46.32
C ILE A 1219 -0.80 -25.12 -46.50
N ALA A 1220 -1.91 -24.61 -45.98
CA ALA A 1220 -3.21 -25.25 -46.15
C ALA A 1220 -4.21 -24.23 -46.70
N SER A 1221 -5.21 -24.73 -47.42
CA SER A 1221 -6.26 -23.89 -47.97
C SER A 1221 -7.60 -24.56 -47.77
N GLY A 1222 -8.62 -23.75 -47.49
CA GLY A 1222 -10.01 -24.22 -47.34
C GLY A 1222 -10.87 -23.76 -48.51
N SER A 1223 -11.86 -24.57 -48.85
CA SER A 1223 -12.83 -24.27 -49.91
C SER A 1223 -14.21 -24.16 -49.30
N ALA A 1224 -15.01 -23.25 -49.84
CA ALA A 1224 -16.40 -23.11 -49.42
C ALA A 1224 -17.30 -24.24 -49.91
N LYS A 1225 -16.76 -25.16 -50.73
CA LYS A 1225 -17.43 -26.43 -50.95
C LYS A 1225 -17.50 -27.17 -49.62
N GLN A 1226 -16.49 -27.98 -49.31
CA GLN A 1226 -16.50 -28.86 -48.14
C GLN A 1226 -15.07 -29.14 -47.62
N LEU A 1227 -14.09 -28.43 -48.16
CA LEU A 1227 -12.84 -29.08 -48.58
C LEU A 1227 -11.59 -28.35 -48.10
N ILE A 1228 -10.59 -29.12 -47.68
CA ILE A 1228 -9.30 -28.59 -47.27
C ILE A 1228 -8.24 -29.23 -48.14
N LYS A 1229 -7.33 -28.41 -48.67
CA LYS A 1229 -6.14 -28.90 -49.38
C LYS A 1229 -4.88 -28.47 -48.65
N VAL A 1230 -3.88 -29.33 -48.67
CA VAL A 1230 -2.59 -29.06 -48.02
C VAL A 1230 -1.49 -29.12 -49.05
N PHE A 1231 -0.58 -28.16 -49.01
CA PHE A 1231 0.47 -28.01 -50.02
C PHE A 1231 1.83 -27.75 -49.37
N SER A 1232 2.88 -28.33 -49.95
CA SER A 1232 4.25 -27.93 -49.61
C SER A 1232 4.51 -26.55 -50.22
N LEU A 1233 5.53 -25.86 -49.70
CA LEU A 1233 5.83 -24.48 -50.12
C LEU A 1233 6.32 -24.38 -51.56
N GLN A 1234 6.81 -25.49 -52.10
CA GLN A 1234 7.19 -25.61 -53.53
C GLN A 1234 5.95 -25.89 -54.41
N GLY A 1235 4.92 -26.54 -53.85
CA GLY A 1235 3.61 -26.66 -54.49
C GLY A 1235 3.06 -28.05 -54.78
N GLU A 1236 3.58 -29.10 -54.12
CA GLU A 1236 2.98 -30.44 -54.18
C GLU A 1236 1.72 -30.41 -53.36
N GLN A 1237 0.71 -31.19 -53.74
CA GLN A 1237 -0.42 -31.46 -52.86
C GLN A 1237 -0.02 -32.57 -51.89
N LEU A 1238 0.14 -32.21 -50.62
CA LEU A 1238 0.45 -33.18 -49.58
C LEU A 1238 -0.81 -33.93 -49.12
N GLY A 1239 -1.96 -33.27 -49.11
CA GLY A 1239 -3.23 -33.94 -48.81
C GLY A 1239 -4.52 -33.18 -49.11
N ILE A 1240 -5.62 -33.93 -49.23
CA ILE A 1240 -6.98 -33.41 -49.22
C ILE A 1240 -7.70 -33.99 -48.00
N ILE A 1241 -8.45 -33.14 -47.31
CA ILE A 1241 -9.46 -33.59 -46.36
C ILE A 1241 -10.80 -33.10 -46.89
N ARG A 1242 -11.82 -33.95 -46.78
CA ARG A 1242 -13.17 -33.62 -47.20
C ARG A 1242 -14.12 -33.89 -46.04
N TYR A 1243 -15.02 -32.95 -45.81
CA TYR A 1243 -15.75 -32.78 -44.56
C TYR A 1243 -17.23 -32.97 -44.93
N TYR A 1244 -17.93 -33.88 -44.23
CA TYR A 1244 -19.23 -34.40 -44.69
C TYR A 1244 -20.42 -33.93 -43.82
N PRO A 1245 -21.56 -33.56 -44.45
CA PRO A 1245 -22.77 -33.25 -43.68
C PRO A 1245 -23.37 -34.47 -42.96
N SER A 1246 -24.05 -34.22 -41.85
CA SER A 1246 -24.52 -35.27 -40.94
C SER A 1246 -25.99 -35.63 -41.17
N PHE A 1247 -26.82 -34.61 -41.29
CA PHE A 1247 -28.15 -34.74 -41.90
C PHE A 1247 -28.11 -33.93 -43.20
N MET A 1248 -29.22 -33.87 -43.93
CA MET A 1248 -29.20 -33.29 -45.28
C MET A 1248 -29.36 -31.76 -45.23
N ALA A 1249 -28.22 -31.08 -45.05
CA ALA A 1249 -28.12 -29.61 -45.13
C ALA A 1249 -27.09 -29.15 -46.19
N GLN A 1250 -25.92 -29.80 -46.23
CA GLN A 1250 -24.81 -29.51 -47.17
C GLN A 1250 -24.29 -28.07 -47.02
N LYS A 1251 -23.98 -27.70 -45.77
CA LYS A 1251 -23.58 -26.33 -45.39
C LYS A 1251 -22.15 -26.26 -44.85
N ILE A 1252 -21.21 -26.92 -45.54
CA ILE A 1252 -19.79 -26.91 -45.14
C ILE A 1252 -19.03 -25.81 -45.92
N GLY A 1253 -19.65 -24.63 -46.02
CA GLY A 1253 -19.12 -23.52 -46.79
C GLY A 1253 -18.27 -22.54 -46.03
N SER A 1254 -18.33 -22.59 -44.71
CA SER A 1254 -17.52 -21.75 -43.85
C SER A 1254 -16.36 -22.58 -43.31
N VAL A 1255 -15.54 -23.14 -44.19
CA VAL A 1255 -14.21 -23.59 -43.78
C VAL A 1255 -13.48 -22.29 -43.52
N SER A 1256 -13.73 -21.74 -42.33
CA SER A 1256 -13.18 -20.46 -41.92
C SER A 1256 -11.97 -20.71 -41.05
N CYS A 1257 -12.08 -21.66 -40.11
CA CYS A 1257 -10.97 -22.01 -39.22
C CYS A 1257 -10.06 -23.06 -39.88
N LEU A 1258 -8.77 -22.75 -39.88
CA LEU A 1258 -7.75 -23.49 -40.62
C LEU A 1258 -6.44 -22.85 -40.18
N THR A 1259 -5.78 -23.47 -39.21
CA THR A 1259 -4.63 -22.85 -38.55
C THR A 1259 -3.58 -23.91 -38.22
N PHE A 1260 -2.31 -23.58 -38.45
CA PHE A 1260 -1.20 -24.48 -38.15
C PHE A 1260 -0.67 -24.26 -36.73
N HIS A 1261 -0.07 -25.30 -36.18
CA HIS A 1261 0.61 -25.20 -34.90
C HIS A 1261 1.92 -24.43 -35.14
N PRO A 1262 2.30 -23.49 -34.24
CA PRO A 1262 3.50 -22.66 -34.44
C PRO A 1262 4.83 -23.41 -34.62
N TYR A 1263 5.06 -24.45 -33.81
CA TYR A 1263 6.33 -25.19 -33.80
C TYR A 1263 6.26 -26.67 -34.27
N GLN A 1264 5.08 -27.16 -34.61
CA GLN A 1264 4.87 -28.54 -35.07
C GLN A 1264 4.10 -28.55 -36.40
N VAL A 1265 4.28 -29.59 -37.20
CA VAL A 1265 3.53 -29.76 -38.45
C VAL A 1265 2.17 -30.39 -38.10
N LEU A 1266 1.29 -29.56 -37.55
CA LEU A 1266 0.02 -29.98 -36.97
C LEU A 1266 -1.03 -28.94 -37.37
N LEU A 1267 -2.13 -29.40 -37.95
CA LEU A 1267 -3.13 -28.53 -38.55
C LEU A 1267 -4.47 -28.74 -37.83
N ALA A 1268 -4.98 -27.69 -37.20
CA ALA A 1268 -6.36 -27.67 -36.69
C ALA A 1268 -7.29 -27.19 -37.81
N ALA A 1269 -8.48 -27.80 -37.89
CA ALA A 1269 -9.43 -27.57 -38.97
C ALA A 1269 -10.89 -27.78 -38.53
N GLY A 1270 -11.81 -27.12 -39.22
CA GLY A 1270 -13.23 -27.12 -38.84
C GLY A 1270 -14.02 -26.10 -39.63
N ALA A 1271 -15.31 -26.36 -39.80
CA ALA A 1271 -16.16 -25.58 -40.71
C ALA A 1271 -17.48 -25.15 -40.05
N ALA A 1272 -18.41 -24.63 -40.85
CA ALA A 1272 -19.82 -24.48 -40.45
C ALA A 1272 -20.46 -25.86 -40.25
N ASP A 1273 -20.25 -26.43 -39.06
CA ASP A 1273 -20.78 -27.75 -38.70
C ASP A 1273 -20.86 -27.89 -37.16
N SER A 1274 -19.73 -28.16 -36.51
CA SER A 1274 -19.67 -28.43 -35.05
C SER A 1274 -18.27 -28.81 -34.54
N PHE A 1275 -17.58 -29.70 -35.25
CA PHE A 1275 -16.31 -30.27 -34.76
C PHE A 1275 -15.08 -29.43 -35.09
N VAL A 1276 -13.98 -29.77 -34.42
CA VAL A 1276 -12.65 -29.25 -34.71
C VAL A 1276 -11.72 -30.44 -34.74
N SER A 1277 -11.14 -30.71 -35.91
CA SER A 1277 -10.23 -31.83 -36.10
C SER A 1277 -8.79 -31.36 -36.22
N ILE A 1278 -7.87 -32.15 -35.68
CA ILE A 1278 -6.45 -31.83 -35.66
C ILE A 1278 -5.68 -32.94 -36.38
N TYR A 1279 -5.05 -32.58 -37.50
CA TYR A 1279 -4.37 -33.55 -38.36
C TYR A 1279 -2.86 -33.37 -38.31
N THR A 1280 -2.15 -34.47 -38.57
CA THR A 1280 -0.67 -34.50 -38.58
C THR A 1280 -0.14 -35.13 -39.86
N HIS A 1281 1.18 -35.06 -40.04
CA HIS A 1281 1.86 -35.65 -41.20
C HIS A 1281 2.75 -36.81 -40.76
N ASP A 1282 2.07 -37.84 -40.22
CA ASP A 1282 2.67 -39.10 -39.76
C ASP A 1282 3.68 -38.90 -38.63
#